data_6YR9
#
_entry.id   6YR9
#
_cell.length_a   110.222
_cell.length_b   74.538
_cell.length_c   172.546
_cell.angle_alpha   90.000
_cell.angle_beta   103.110
_cell.angle_gamma   90.000
#
_symmetry.space_group_name_H-M   'C 1 2 1'
#
loop_
_entity.id
_entity.type
_entity.pdbx_description
1 polymer 'Focal adhesion kinase 1'
2 non-polymer N-Methyl-N-(2-{[2-(2-oxo-2,3-dihydro-1H-indol-5-ylamino)-5-trifluoromethyl-pyrimidin-4-ylamino]-methyl}-phenyl)-methanesulfonamide
3 water water
#
_entity_poly.entity_id   1
_entity_poly.type   'polypeptide(L)'
_entity_poly.pdbx_seq_one_letter_code
;GSGSTRDYEIQRERIELGRCIGEGQFGDVHQGIYMSPENPALAVAIKTCKNCTSDSVREKFLQEALTMRQFDHPHIVKLI
GVITENPVWIIMELCTLGELRSFLQVRKYSLDLASLILYAYQLSTALAYLESKRFVHRDIAARNVLVSSNDCVKLGDFGL
SRYMEDSTYYKASKGKLPIKWMAPESINFRRFTSASDVWMFGVCMWEILMHGVKPFQGVKNNDVIGRIENGERLPMPPNC
PPTLYSLMTKCWAYDPSRRPRFTELKAQLSTILEEEKAQQEE
;
_entity_poly.pdbx_strand_id   A,B,C,D
#
# COMPACT_ATOMS: atom_id res chain seq x y z
N TYR A 8 -25.05 -16.23 14.23
CA TYR A 8 -23.85 -15.84 14.97
C TYR A 8 -24.16 -15.27 16.38
N GLU A 9 -25.40 -14.82 16.63
CA GLU A 9 -25.80 -14.37 17.95
C GLU A 9 -26.01 -15.61 18.85
N ILE A 10 -25.46 -15.56 20.06
CA ILE A 10 -25.57 -16.61 21.05
C ILE A 10 -26.36 -16.07 22.28
N GLN A 11 -27.23 -16.92 22.87
CA GLN A 11 -28.01 -16.52 24.04
C GLN A 11 -27.23 -16.86 25.29
N ARG A 12 -27.12 -15.92 26.22
CA ARG A 12 -26.29 -16.10 27.40
C ARG A 12 -26.67 -17.27 28.28
N GLU A 13 -27.93 -17.62 28.35
CA GLU A 13 -28.37 -18.76 29.16
C GLU A 13 -27.81 -20.11 28.62
N ARG A 14 -27.35 -20.14 27.36
CA ARG A 14 -26.74 -21.32 26.74
C ARG A 14 -25.23 -21.42 26.99
N ILE A 15 -24.69 -20.64 27.95
CA ILE A 15 -23.29 -20.65 28.33
C ILE A 15 -23.10 -21.04 29.78
N GLU A 16 -22.32 -22.09 30.06
CA GLU A 16 -21.92 -22.39 31.44
C GLU A 16 -20.50 -21.82 31.60
N LEU A 17 -20.38 -20.71 32.32
CA LEU A 17 -19.12 -20.01 32.53
C LEU A 17 -18.24 -20.79 33.52
N GLY A 18 -16.99 -21.02 33.16
CA GLY A 18 -16.05 -21.75 33.98
C GLY A 18 -14.88 -20.90 34.43
N ARG A 19 -13.74 -21.56 34.70
CA ARG A 19 -12.51 -20.94 35.21
C ARG A 19 -11.91 -19.87 34.29
N CYS A 20 -11.36 -18.82 34.90
CA CYS A 20 -10.70 -17.76 34.15
C CYS A 20 -9.37 -18.36 33.63
N ILE A 21 -9.10 -18.22 32.32
CA ILE A 21 -7.89 -18.76 31.65
C ILE A 21 -6.96 -17.66 31.09
N GLY A 22 -7.19 -16.42 31.47
CA GLY A 22 -6.36 -15.32 31.02
C GLY A 22 -7.06 -13.97 31.09
N GLU A 23 -6.28 -12.94 30.87
CA GLU A 23 -6.77 -11.58 30.88
C GLU A 23 -6.48 -10.97 29.53
N GLY A 24 -7.49 -10.31 28.97
CA GLY A 24 -7.36 -9.62 27.70
C GLY A 24 -7.38 -8.11 27.91
N GLN A 25 -7.31 -7.38 26.81
CA GLN A 25 -7.31 -5.93 26.84
C GLN A 25 -8.68 -5.37 27.31
N PHE A 26 -9.77 -6.03 26.93
CA PHE A 26 -11.13 -5.58 27.26
C PHE A 26 -11.71 -6.21 28.52
N GLY A 27 -11.17 -7.34 28.94
CA GLY A 27 -11.64 -8.02 30.13
C GLY A 27 -11.10 -9.44 30.26
N ASP A 28 -11.58 -10.18 31.26
CA ASP A 28 -11.16 -11.55 31.49
C ASP A 28 -11.60 -12.51 30.39
N VAL A 29 -10.83 -13.60 30.22
CA VAL A 29 -11.13 -14.68 29.29
C VAL A 29 -11.41 -15.89 30.15
N HIS A 30 -12.50 -16.59 29.87
CA HIS A 30 -12.87 -17.77 30.65
C HIS A 30 -12.97 -19.00 29.78
N GLN A 31 -12.87 -20.15 30.41
CA GLN A 31 -13.13 -21.44 29.80
C GLN A 31 -14.63 -21.68 30.07
N GLY A 32 -15.32 -22.41 29.21
CA GLY A 32 -16.73 -22.69 29.41
C GLY A 32 -17.33 -23.70 28.47
N ILE A 33 -18.65 -23.81 28.51
CA ILE A 33 -19.40 -24.75 27.67
C ILE A 33 -20.52 -24.03 26.98
N TYR A 34 -20.67 -24.29 25.69
CA TYR A 34 -21.75 -23.71 24.90
C TYR A 34 -22.74 -24.84 24.63
N MET A 35 -23.95 -24.74 25.19
CA MET A 35 -24.99 -25.73 24.98
C MET A 35 -25.68 -25.44 23.65
N SER A 36 -25.13 -25.95 22.56
CA SER A 36 -25.57 -25.80 21.18
C SER A 36 -26.97 -26.37 20.95
N PRO A 37 -27.85 -25.69 20.19
CA PRO A 37 -29.20 -26.26 19.95
C PRO A 37 -29.18 -27.47 19.03
N GLU A 38 -29.82 -28.57 19.48
CA GLU A 38 -29.92 -29.86 18.77
C GLU A 38 -28.57 -30.54 18.47
N ASN A 39 -27.48 -30.10 19.11
CA ASN A 39 -26.13 -30.65 18.91
C ASN A 39 -25.44 -30.93 20.28
N PRO A 40 -24.31 -31.68 20.32
CA PRO A 40 -23.61 -31.84 21.61
C PRO A 40 -22.99 -30.51 22.03
N ALA A 41 -22.85 -30.31 23.34
CA ALA A 41 -22.25 -29.10 23.89
C ALA A 41 -20.75 -28.95 23.50
N LEU A 42 -20.30 -27.73 23.26
CA LEU A 42 -18.93 -27.46 22.85
C LEU A 42 -18.12 -26.83 23.96
N ALA A 43 -16.83 -27.16 24.02
CA ALA A 43 -15.91 -26.52 24.96
C ALA A 43 -15.51 -25.20 24.29
N VAL A 44 -15.70 -24.08 24.99
CA VAL A 44 -15.45 -22.77 24.43
C VAL A 44 -14.53 -21.90 25.33
N ALA A 45 -13.96 -20.84 24.74
CA ALA A 45 -13.18 -19.77 25.35
C ALA A 45 -14.11 -18.51 25.27
N ILE A 46 -14.32 -17.83 26.39
CA ILE A 46 -15.20 -16.66 26.44
C ILE A 46 -14.39 -15.39 26.65
N LYS A 47 -14.38 -14.50 25.67
CA LYS A 47 -13.73 -13.20 25.82
C LYS A 47 -14.79 -12.28 26.37
N THR A 48 -14.59 -11.74 27.59
CA THR A 48 -15.56 -10.80 28.16
C THR A 48 -15.09 -9.35 27.98
N CYS A 49 -15.99 -8.38 28.19
CA CYS A 49 -15.69 -6.96 28.05
C CYS A 49 -16.26 -6.21 29.22
N LYS A 50 -15.41 -5.49 29.97
CA LYS A 50 -15.85 -4.76 31.16
C LYS A 50 -16.53 -3.42 30.83
N ASN A 51 -15.95 -2.64 29.93
CA ASN A 51 -16.44 -1.31 29.60
C ASN A 51 -17.16 -1.21 28.26
N CYS A 52 -17.85 -2.27 27.84
CA CYS A 52 -18.55 -2.24 26.55
C CYS A 52 -19.88 -1.43 26.59
N THR A 53 -20.15 -0.68 27.70
CA THR A 53 -21.28 0.23 27.81
C THR A 53 -21.04 1.43 26.87
N SER A 54 -19.76 1.86 26.71
CA SER A 54 -19.34 2.89 25.78
C SER A 54 -19.43 2.29 24.36
N ASP A 55 -19.94 3.05 23.40
CA ASP A 55 -20.11 2.62 22.02
C ASP A 55 -18.79 2.41 21.33
N SER A 56 -17.76 3.21 21.67
CA SER A 56 -16.46 3.07 21.03
C SER A 56 -15.77 1.79 21.45
N VAL A 57 -15.78 1.46 22.76
CA VAL A 57 -15.18 0.24 23.30
C VAL A 57 -15.84 -0.99 22.69
N ARG A 58 -17.19 -1.00 22.67
CA ARG A 58 -18.01 -2.08 22.12
C ARG A 58 -17.71 -2.30 20.62
N GLU A 59 -17.62 -1.21 19.85
CA GLU A 59 -17.34 -1.31 18.42
C GLU A 59 -15.95 -1.90 18.17
N LYS A 60 -14.95 -1.52 18.98
CA LYS A 60 -13.57 -1.99 18.88
C LYS A 60 -13.50 -3.47 19.26
N PHE A 61 -14.23 -3.86 20.34
CA PHE A 61 -14.27 -5.23 20.83
C PHE A 61 -14.93 -6.16 19.82
N LEU A 62 -16.09 -5.77 19.30
CA LEU A 62 -16.81 -6.55 18.30
C LEU A 62 -16.07 -6.65 16.96
N GLN A 63 -15.16 -5.72 16.68
CA GLN A 63 -14.36 -5.76 15.47
C GLN A 63 -13.37 -6.94 15.51
N GLU A 64 -12.92 -7.35 16.74
CA GLU A 64 -12.03 -8.49 16.93
C GLU A 64 -12.73 -9.78 16.55
N ALA A 65 -14.05 -9.88 16.80
CA ALA A 65 -14.85 -11.05 16.41
C ALA A 65 -15.02 -11.07 14.90
N LEU A 66 -15.27 -9.92 14.26
CA LEU A 66 -15.40 -9.81 12.80
C LEU A 66 -14.12 -10.22 12.09
N THR A 67 -12.95 -9.92 12.69
CA THR A 67 -11.66 -10.31 12.17
C THR A 67 -11.57 -11.84 12.13
N MET A 68 -11.90 -12.51 13.25
CA MET A 68 -11.82 -13.97 13.31
C MET A 68 -12.88 -14.66 12.46
N ARG A 69 -14.04 -14.01 12.26
CA ARG A 69 -15.18 -14.52 11.48
C ARG A 69 -14.80 -14.80 10.04
N GLN A 70 -13.86 -14.01 9.50
CA GLN A 70 -13.44 -14.16 8.12
C GLN A 70 -12.45 -15.29 7.89
N PHE A 71 -12.08 -16.05 8.92
CA PHE A 71 -11.16 -17.18 8.77
C PHE A 71 -11.84 -18.53 9.06
N ASP A 72 -11.54 -19.53 8.24
CA ASP A 72 -12.08 -20.88 8.40
C ASP A 72 -10.95 -21.86 8.14
N HIS A 73 -10.15 -22.15 9.18
CA HIS A 73 -9.02 -23.05 9.05
C HIS A 73 -8.91 -23.94 10.27
N PRO A 74 -8.61 -25.24 10.09
CA PRO A 74 -8.50 -26.13 11.26
C PRO A 74 -7.37 -25.79 12.24
N HIS A 75 -6.42 -24.93 11.86
CA HIS A 75 -5.30 -24.56 12.75
C HIS A 75 -5.31 -23.08 13.17
N ILE A 76 -6.51 -22.47 13.16
CA ILE A 76 -6.79 -21.13 13.63
C ILE A 76 -8.08 -21.24 14.46
N VAL A 77 -8.09 -20.72 15.69
CA VAL A 77 -9.27 -20.77 16.54
C VAL A 77 -10.50 -20.14 15.84
N LYS A 78 -11.63 -20.87 15.86
CA LYS A 78 -12.88 -20.45 15.24
C LYS A 78 -13.68 -19.55 16.13
N LEU A 79 -14.40 -18.60 15.51
CA LEU A 79 -15.39 -17.80 16.21
C LEU A 79 -16.66 -18.67 16.21
N ILE A 80 -17.21 -18.93 17.39
CA ILE A 80 -18.45 -19.69 17.54
C ILE A 80 -19.64 -18.72 17.40
N GLY A 81 -19.54 -17.58 18.07
CA GLY A 81 -20.55 -16.54 18.02
C GLY A 81 -20.29 -15.41 18.99
N VAL A 82 -21.25 -14.48 19.10
CA VAL A 82 -21.13 -13.34 19.99
C VAL A 82 -22.40 -13.14 20.78
N ILE A 83 -22.29 -12.49 21.93
CA ILE A 83 -23.44 -12.14 22.75
C ILE A 83 -23.39 -10.62 22.79
N THR A 84 -24.32 -9.95 22.07
CA THR A 84 -24.33 -8.50 21.92
C THR A 84 -25.09 -7.73 23.01
N GLU A 85 -25.67 -8.44 23.97
CA GLU A 85 -26.32 -7.81 25.11
C GLU A 85 -25.23 -7.48 26.14
N ASN A 86 -25.46 -6.50 27.03
CA ASN A 86 -24.46 -6.13 28.04
C ASN A 86 -24.44 -7.16 29.18
N PRO A 87 -23.27 -7.73 29.55
CA PRO A 87 -21.93 -7.48 29.02
C PRO A 87 -21.62 -8.25 27.73
N VAL A 88 -21.00 -7.57 26.77
CA VAL A 88 -20.68 -8.16 25.47
C VAL A 88 -19.62 -9.28 25.62
N TRP A 89 -19.90 -10.47 25.07
CA TRP A 89 -18.98 -11.60 25.09
C TRP A 89 -18.69 -12.08 23.68
N ILE A 90 -17.48 -12.62 23.47
CA ILE A 90 -17.10 -13.22 22.21
C ILE A 90 -16.83 -14.69 22.53
N ILE A 91 -17.57 -15.58 21.87
CA ILE A 91 -17.44 -17.02 22.08
C ILE A 91 -16.52 -17.64 21.04
N MET A 92 -15.37 -18.12 21.48
CA MET A 92 -14.37 -18.74 20.60
C MET A 92 -14.24 -20.21 20.92
N GLU A 93 -13.72 -20.96 19.99
CA GLU A 93 -13.44 -22.38 20.18
C GLU A 93 -12.33 -22.54 21.25
N LEU A 94 -12.50 -23.50 22.18
CA LEU A 94 -11.50 -23.73 23.20
C LEU A 94 -10.40 -24.66 22.70
N CYS A 95 -9.16 -24.41 23.10
CA CYS A 95 -8.04 -25.31 22.82
C CYS A 95 -7.80 -25.83 24.17
N THR A 96 -8.27 -27.05 24.45
CA THR A 96 -8.29 -27.67 25.78
C THR A 96 -6.97 -27.68 26.53
N LEU A 97 -5.85 -28.00 25.84
CA LEU A 97 -4.58 -28.15 26.52
C LEU A 97 -3.81 -26.85 26.79
N GLY A 98 -4.39 -25.69 26.46
CA GLY A 98 -3.78 -24.40 26.74
C GLY A 98 -2.68 -23.87 25.86
N GLU A 99 -1.84 -23.00 26.42
CA GLU A 99 -0.74 -22.32 25.76
C GLU A 99 0.42 -23.24 25.34
N LEU A 100 0.96 -23.05 24.11
CA LEU A 100 2.03 -23.90 23.59
C LEU A 100 3.31 -23.85 24.42
N ARG A 101 3.73 -22.66 24.90
CA ARG A 101 4.95 -22.56 25.70
C ARG A 101 4.89 -23.39 26.98
N SER A 102 3.74 -23.39 27.69
CA SER A 102 3.58 -24.20 28.91
C SER A 102 3.55 -25.70 28.63
N PHE A 103 2.81 -26.11 27.57
CA PHE A 103 2.72 -27.49 27.13
C PHE A 103 4.13 -28.07 26.80
N LEU A 104 4.96 -27.28 26.08
CA LEU A 104 6.31 -27.68 25.74
C LEU A 104 7.19 -27.76 26.96
N GLN A 105 7.05 -26.82 27.91
CA GLN A 105 7.88 -26.82 29.14
C GLN A 105 7.60 -28.02 30.05
N VAL A 106 6.36 -28.48 30.06
CA VAL A 106 5.96 -29.61 30.88
C VAL A 106 6.38 -30.92 30.22
N ARG A 107 6.08 -31.08 28.92
CA ARG A 107 6.35 -32.31 28.17
C ARG A 107 7.81 -32.47 27.64
N LYS A 108 8.64 -31.42 27.64
CA LYS A 108 10.05 -31.40 27.20
C LYS A 108 10.48 -32.57 26.21
N TYR A 109 11.50 -33.39 26.52
CA TYR A 109 11.95 -34.43 25.59
C TYR A 109 10.97 -35.61 25.46
N SER A 110 9.94 -35.71 26.32
CA SER A 110 8.90 -36.75 26.18
C SER A 110 8.02 -36.55 24.90
N LEU A 111 8.21 -35.41 24.20
CA LEU A 111 7.59 -35.10 22.93
C LEU A 111 8.62 -35.51 21.89
N ASP A 112 8.27 -36.45 21.01
CA ASP A 112 9.19 -36.86 19.97
C ASP A 112 9.31 -35.75 18.93
N LEU A 113 10.41 -35.79 18.21
CA LEU A 113 10.74 -34.83 17.17
C LEU A 113 9.63 -34.74 16.14
N ALA A 114 9.08 -35.87 15.75
CA ALA A 114 7.94 -35.97 14.84
C ALA A 114 6.77 -35.09 15.29
N SER A 115 6.54 -34.96 16.62
CA SER A 115 5.48 -34.08 17.12
C SER A 115 5.86 -32.59 17.02
N LEU A 116 7.09 -32.20 17.40
CA LEU A 116 7.55 -30.81 17.30
C LEU A 116 7.50 -30.30 15.86
N ILE A 117 7.93 -31.14 14.89
CA ILE A 117 7.89 -30.85 13.45
C ILE A 117 6.42 -30.75 12.97
N LEU A 118 5.55 -31.63 13.48
CA LEU A 118 4.11 -31.59 13.17
C LEU A 118 3.51 -30.24 13.60
N TYR A 119 3.87 -29.74 14.78
CA TYR A 119 3.37 -28.44 15.24
C TYR A 119 3.81 -27.31 14.31
N ALA A 120 5.09 -27.30 13.90
CA ALA A 120 5.64 -26.31 12.98
C ALA A 120 4.92 -26.39 11.64
N TYR A 121 4.66 -27.61 11.15
CA TYR A 121 3.91 -27.84 9.91
C TYR A 121 2.49 -27.31 10.01
N GLN A 122 1.79 -27.61 11.10
CA GLN A 122 0.40 -27.16 11.27
C GLN A 122 0.29 -25.62 11.27
N LEU A 123 1.24 -24.94 11.95
CA LEU A 123 1.30 -23.49 11.98
C LEU A 123 1.59 -22.92 10.60
N SER A 124 2.42 -23.61 9.79
CA SER A 124 2.71 -23.17 8.43
C SER A 124 1.48 -23.27 7.54
N THR A 125 0.59 -24.23 7.78
CA THR A 125 -0.63 -24.34 6.98
C THR A 125 -1.61 -23.21 7.32
N ALA A 126 -1.65 -22.76 8.61
CA ALA A 126 -2.51 -21.65 9.05
C ALA A 126 -1.94 -20.32 8.52
N LEU A 127 -0.59 -20.17 8.52
CA LEU A 127 0.05 -18.97 8.03
C LEU A 127 0.03 -18.88 6.50
N ALA A 128 0.05 -20.04 5.81
CA ALA A 128 -0.09 -20.05 4.35
C ALA A 128 -1.54 -19.67 3.99
N TYR A 129 -2.52 -20.05 4.83
CA TYR A 129 -3.92 -19.70 4.66
C TYR A 129 -4.11 -18.18 4.88
N LEU A 130 -3.51 -17.61 5.94
CA LEU A 130 -3.57 -16.17 6.19
C LEU A 130 -2.93 -15.38 5.01
N GLU A 131 -1.84 -15.90 4.47
CA GLU A 131 -1.11 -15.32 3.34
C GLU A 131 -1.99 -15.33 2.09
N SER A 132 -2.75 -16.43 1.88
CA SER A 132 -3.65 -16.55 0.73
C SER A 132 -4.77 -15.48 0.77
N LYS A 133 -5.16 -15.06 1.99
CA LYS A 133 -6.17 -14.04 2.22
C LYS A 133 -5.56 -12.64 2.40
N ARG A 134 -4.26 -12.45 2.07
CA ARG A 134 -3.51 -11.20 2.16
C ARG A 134 -3.61 -10.56 3.55
N PHE A 135 -3.52 -11.39 4.60
CA PHE A 135 -3.59 -10.91 5.96
C PHE A 135 -2.22 -11.02 6.63
N VAL A 136 -1.71 -9.90 7.19
CA VAL A 136 -0.43 -9.85 7.91
C VAL A 136 -0.68 -9.96 9.43
N HIS A 137 -0.15 -11.01 10.07
CA HIS A 137 -0.34 -11.25 11.49
C HIS A 137 0.36 -10.22 12.38
N ARG A 138 1.70 -10.04 12.22
CA ARG A 138 2.54 -9.07 12.96
C ARG A 138 3.04 -9.57 14.33
N ASP A 139 2.50 -10.69 14.82
CA ASP A 139 2.85 -11.17 16.16
C ASP A 139 2.94 -12.70 16.26
N ILE A 140 3.63 -13.30 15.29
CA ILE A 140 3.84 -14.73 15.31
C ILE A 140 4.92 -15.08 16.35
N ALA A 141 4.50 -15.78 17.41
CA ALA A 141 5.35 -16.23 18.51
C ALA A 141 4.68 -17.42 19.21
N ALA A 142 5.47 -18.26 19.89
CA ALA A 142 4.90 -19.44 20.57
C ALA A 142 3.88 -19.05 21.66
N ARG A 143 3.99 -17.79 22.18
CA ARG A 143 3.07 -17.20 23.16
C ARG A 143 1.62 -17.10 22.62
N ASN A 144 1.47 -17.01 21.30
CA ASN A 144 0.17 -16.89 20.68
C ASN A 144 -0.30 -18.17 20.01
N VAL A 145 0.28 -19.31 20.37
CA VAL A 145 -0.11 -20.60 19.83
C VAL A 145 -0.71 -21.43 20.96
N LEU A 146 -1.79 -22.15 20.64
CA LEU A 146 -2.54 -22.94 21.60
C LEU A 146 -2.58 -24.41 21.21
N VAL A 147 -2.85 -25.28 22.19
CA VAL A 147 -2.85 -26.72 21.99
C VAL A 147 -4.24 -27.30 22.14
N SER A 148 -4.80 -27.80 21.02
CA SER A 148 -6.12 -28.43 21.00
C SER A 148 -6.07 -29.85 21.50
N SER A 149 -4.99 -30.56 21.18
CA SER A 149 -4.74 -31.94 21.56
C SER A 149 -3.23 -32.21 21.39
N ASN A 150 -2.74 -33.40 21.78
CA ASN A 150 -1.33 -33.75 21.64
C ASN A 150 -0.84 -33.66 20.21
N ASP A 151 -1.74 -33.82 19.22
CA ASP A 151 -1.33 -33.75 17.83
C ASP A 151 -2.01 -32.66 17.05
N CYS A 152 -2.29 -31.53 17.72
CA CYS A 152 -2.95 -30.42 17.08
C CYS A 152 -2.70 -29.08 17.76
N VAL A 153 -2.05 -28.15 17.05
CA VAL A 153 -1.86 -26.79 17.56
C VAL A 153 -2.60 -25.80 16.67
N LYS A 154 -2.90 -24.64 17.23
CA LYS A 154 -3.64 -23.58 16.56
C LYS A 154 -3.16 -22.18 16.89
N LEU A 155 -3.28 -21.28 15.91
CA LEU A 155 -3.00 -19.86 16.15
C LEU A 155 -4.14 -19.38 17.06
N GLY A 156 -3.81 -18.72 18.16
CA GLY A 156 -4.79 -18.19 19.09
C GLY A 156 -5.52 -16.96 18.56
N ASP A 157 -6.42 -16.41 19.37
CA ASP A 157 -7.21 -15.23 18.97
C ASP A 157 -6.33 -14.05 18.58
N PHE A 158 -6.65 -13.36 17.47
CA PHE A 158 -5.81 -12.27 16.98
C PHE A 158 -5.90 -11.02 17.84
N GLY A 159 -7.09 -10.70 18.35
CA GLY A 159 -7.31 -9.59 19.26
C GLY A 159 -6.56 -9.76 20.56
N LEU A 160 -6.62 -10.98 21.13
CA LEU A 160 -5.91 -11.38 22.35
C LEU A 160 -4.36 -11.33 22.22
N SER A 161 -3.82 -11.27 20.99
CA SER A 161 -2.37 -11.14 20.77
C SER A 161 -1.91 -9.68 21.00
N ARG A 162 -0.98 -9.51 21.94
CA ARG A 162 -0.46 -8.23 22.42
C ARG A 162 0.11 -7.25 21.38
N TYR A 163 0.66 -7.73 20.26
CA TYR A 163 1.32 -6.83 19.29
C TYR A 163 0.84 -6.99 17.83
N MET A 164 -0.49 -6.99 17.59
CA MET A 164 -1.06 -7.05 16.24
C MET A 164 -1.63 -5.67 15.84
N LEU A 177 7.10 -3.98 22.79
CA LEU A 177 7.64 -4.35 21.48
C LEU A 177 8.42 -5.67 21.50
N PRO A 178 7.94 -6.66 20.71
CA PRO A 178 8.64 -7.96 20.67
C PRO A 178 9.86 -7.96 19.75
N ILE A 179 10.89 -7.18 20.11
CA ILE A 179 12.08 -7.01 19.29
C ILE A 179 12.81 -8.33 18.95
N LYS A 180 12.90 -9.26 19.91
CA LYS A 180 13.56 -10.56 19.71
C LYS A 180 12.89 -11.49 18.71
N TRP A 181 11.69 -11.15 18.25
CA TRP A 181 10.97 -11.94 17.25
C TRP A 181 10.87 -11.22 15.90
N MET A 182 11.06 -9.89 15.88
CA MET A 182 10.85 -9.04 14.73
C MET A 182 11.95 -9.03 13.68
N ALA A 183 11.51 -8.87 12.43
CA ALA A 183 12.36 -8.76 11.25
C ALA A 183 13.05 -7.40 11.31
N PRO A 184 14.25 -7.29 10.70
CA PRO A 184 14.97 -6.00 10.73
C PRO A 184 14.18 -4.80 10.22
N GLU A 185 13.39 -4.95 9.14
CA GLU A 185 12.58 -3.84 8.60
C GLU A 185 11.41 -3.45 9.53
N SER A 186 10.96 -4.37 10.38
CA SER A 186 9.90 -4.07 11.35
C SER A 186 10.51 -3.27 12.51
N ILE A 187 11.71 -3.63 12.96
CA ILE A 187 12.39 -2.93 14.03
C ILE A 187 12.80 -1.52 13.55
N ASN A 188 13.41 -1.44 12.36
CA ASN A 188 13.90 -0.17 11.84
C ASN A 188 12.83 0.76 11.30
N PHE A 189 11.86 0.24 10.53
CA PHE A 189 10.88 1.12 9.88
C PHE A 189 9.42 0.82 10.18
N ARG A 190 9.14 -0.07 11.13
CA ARG A 190 7.79 -0.49 11.44
C ARG A 190 7.06 -1.08 10.23
N ARG A 191 7.81 -1.69 9.30
CA ARG A 191 7.22 -2.29 8.13
C ARG A 191 6.83 -3.71 8.46
N PHE A 192 5.57 -4.01 8.24
CA PHE A 192 5.04 -5.33 8.50
C PHE A 192 4.41 -5.86 7.23
N THR A 193 4.94 -6.98 6.73
CA THR A 193 4.48 -7.67 5.53
C THR A 193 4.43 -9.20 5.81
N SER A 194 3.96 -10.01 4.84
CA SER A 194 4.00 -11.45 4.94
C SER A 194 5.46 -11.95 5.06
N ALA A 195 6.43 -11.21 4.50
CA ALA A 195 7.85 -11.58 4.59
C ALA A 195 8.38 -11.39 6.02
N SER A 196 7.91 -10.36 6.72
CA SER A 196 8.31 -10.15 8.12
C SER A 196 7.60 -11.20 9.04
N ASP A 197 6.41 -11.70 8.64
CA ASP A 197 5.71 -12.79 9.33
C ASP A 197 6.57 -14.08 9.22
N VAL A 198 7.21 -14.31 8.06
CA VAL A 198 8.06 -15.47 7.80
C VAL A 198 9.27 -15.44 8.75
N TRP A 199 9.88 -14.27 8.97
CA TRP A 199 10.98 -14.13 9.91
C TRP A 199 10.53 -14.54 11.34
N MET A 200 9.35 -14.03 11.78
CA MET A 200 8.76 -14.32 13.09
C MET A 200 8.47 -15.81 13.21
N PHE A 201 7.94 -16.42 12.14
CA PHE A 201 7.66 -17.85 12.10
C PHE A 201 8.91 -18.68 12.27
N GLY A 202 10.04 -18.22 11.75
CA GLY A 202 11.31 -18.92 11.92
C GLY A 202 11.72 -18.96 13.37
N VAL A 203 11.51 -17.83 14.09
CA VAL A 203 11.76 -17.69 15.52
C VAL A 203 10.78 -18.60 16.32
N CYS A 204 9.52 -18.66 15.88
CA CYS A 204 8.51 -19.52 16.50
C CYS A 204 8.92 -21.00 16.36
N MET A 205 9.39 -21.42 15.18
CA MET A 205 9.89 -22.77 14.94
C MET A 205 11.07 -23.10 15.87
N TRP A 206 11.96 -22.13 16.08
CA TRP A 206 13.11 -22.26 16.97
C TRP A 206 12.59 -22.49 18.41
N GLU A 207 11.60 -21.67 18.86
CA GLU A 207 10.96 -21.81 20.20
C GLU A 207 10.36 -23.20 20.40
N ILE A 208 9.69 -23.76 19.38
CA ILE A 208 9.11 -25.12 19.46
C ILE A 208 10.21 -26.16 19.68
N LEU A 209 11.28 -26.07 18.88
CA LEU A 209 12.39 -27.00 18.99
C LEU A 209 13.19 -26.82 20.29
N MET A 210 13.15 -25.63 20.88
CA MET A 210 13.78 -25.31 22.16
C MET A 210 12.83 -25.55 23.36
N HIS A 211 11.68 -26.22 23.15
CA HIS A 211 10.69 -26.54 24.17
C HIS A 211 10.17 -25.31 24.97
N GLY A 212 9.85 -24.24 24.26
CA GLY A 212 9.32 -23.04 24.91
C GLY A 212 10.33 -22.09 25.50
N VAL A 213 11.64 -22.22 25.17
CA VAL A 213 12.66 -21.28 25.64
C VAL A 213 12.56 -20.01 24.79
N LYS A 214 12.68 -18.83 25.40
CA LYS A 214 12.59 -17.56 24.69
C LYS A 214 13.88 -17.25 23.89
N PRO A 215 13.75 -16.67 22.69
CA PRO A 215 14.96 -16.29 21.91
C PRO A 215 15.76 -15.16 22.57
N PHE A 216 17.10 -15.15 22.34
CA PHE A 216 18.02 -14.13 22.86
C PHE A 216 17.87 -13.88 24.35
N GLN A 217 17.70 -14.95 25.14
CA GLN A 217 17.53 -14.82 26.59
C GLN A 217 18.79 -14.19 27.22
N GLY A 218 18.60 -13.15 28.02
CA GLY A 218 19.71 -12.46 28.66
C GLY A 218 20.47 -11.48 27.78
N VAL A 219 19.88 -11.11 26.63
CA VAL A 219 20.45 -10.17 25.66
C VAL A 219 19.54 -8.95 25.62
N LYS A 220 20.10 -7.73 25.76
CA LYS A 220 19.27 -6.52 25.74
C LYS A 220 18.76 -6.24 24.33
N ASN A 221 17.49 -5.77 24.22
CA ASN A 221 16.83 -5.51 22.94
C ASN A 221 17.64 -4.67 21.94
N ASN A 222 18.43 -3.68 22.41
CA ASN A 222 19.25 -2.84 21.50
C ASN A 222 20.44 -3.58 20.91
N ASP A 223 20.95 -4.59 21.64
CA ASP A 223 22.08 -5.37 21.15
C ASP A 223 21.65 -6.45 20.15
N VAL A 224 20.37 -6.87 20.19
CA VAL A 224 19.80 -7.86 19.27
C VAL A 224 19.96 -7.37 17.82
N ILE A 225 19.60 -6.12 17.59
CA ILE A 225 19.67 -5.46 16.29
C ILE A 225 21.10 -5.47 15.73
N GLY A 226 22.07 -5.19 16.59
CA GLY A 226 23.47 -5.21 16.21
C GLY A 226 23.96 -6.59 15.82
N ARG A 227 23.53 -7.61 16.56
CA ARG A 227 23.89 -9.00 16.30
C ARG A 227 23.34 -9.48 14.96
N ILE A 228 22.06 -9.19 14.72
CA ILE A 228 21.35 -9.56 13.49
C ILE A 228 22.00 -8.91 12.27
N GLU A 229 22.30 -7.60 12.36
CA GLU A 229 22.98 -6.91 11.25
C GLU A 229 24.34 -7.47 10.96
N ASN A 230 25.04 -7.93 12.02
CA ASN A 230 26.35 -8.55 11.89
C ASN A 230 26.31 -10.00 11.37
N GLY A 231 25.12 -10.51 11.04
CA GLY A 231 24.92 -11.86 10.50
C GLY A 231 24.68 -12.95 11.51
N GLU A 232 24.67 -12.59 12.80
CA GLU A 232 24.43 -13.56 13.88
C GLU A 232 22.96 -14.02 13.90
N ARG A 233 22.74 -15.32 14.06
CA ARG A 233 21.40 -15.88 14.12
C ARG A 233 21.21 -16.76 15.36
N LEU A 234 19.97 -17.14 15.71
CA LEU A 234 19.67 -18.05 16.83
C LEU A 234 20.36 -19.39 16.55
N PRO A 235 20.97 -20.00 17.57
CA PRO A 235 21.72 -21.23 17.32
C PRO A 235 20.85 -22.42 16.97
N MET A 236 21.46 -23.45 16.37
CA MET A 236 20.75 -24.68 16.05
C MET A 236 20.34 -25.37 17.35
N PRO A 237 19.04 -25.60 17.53
CA PRO A 237 18.59 -26.24 18.76
C PRO A 237 19.11 -27.67 18.84
N PRO A 238 19.36 -28.17 20.08
CA PRO A 238 19.81 -29.55 20.23
C PRO A 238 18.79 -30.54 19.66
N ASN A 239 19.27 -31.54 18.89
CA ASN A 239 18.43 -32.56 18.26
C ASN A 239 17.52 -32.02 17.15
N CYS A 240 17.82 -30.83 16.60
CA CYS A 240 17.04 -30.29 15.49
C CYS A 240 17.63 -30.86 14.19
N PRO A 241 16.82 -31.43 13.28
CA PRO A 241 17.38 -31.92 12.01
C PRO A 241 18.02 -30.75 11.21
N PRO A 242 19.19 -30.96 10.58
CA PRO A 242 19.82 -29.87 9.82
C PRO A 242 18.94 -29.29 8.73
N THR A 243 18.07 -30.11 8.09
CA THR A 243 17.13 -29.63 7.07
C THR A 243 16.18 -28.59 7.64
N LEU A 244 15.76 -28.80 8.90
CA LEU A 244 14.86 -27.90 9.61
C LEU A 244 15.59 -26.62 10.03
N TYR A 245 16.81 -26.72 10.55
CA TYR A 245 17.59 -25.53 10.90
C TYR A 245 17.89 -24.69 9.65
N SER A 246 18.14 -25.35 8.50
CA SER A 246 18.37 -24.69 7.22
C SER A 246 17.11 -23.90 6.78
N LEU A 247 15.92 -24.45 7.05
CA LEU A 247 14.67 -23.81 6.70
C LEU A 247 14.48 -22.53 7.57
N MET A 248 14.80 -22.62 8.89
CA MET A 248 14.80 -21.47 9.80
C MET A 248 15.76 -20.37 9.26
N THR A 249 17.00 -20.73 8.85
CA THR A 249 17.96 -19.72 8.39
C THR A 249 17.47 -19.03 7.09
N LYS A 250 16.63 -19.70 6.27
CA LYS A 250 16.04 -19.07 5.08
C LYS A 250 14.97 -18.01 5.47
N CYS A 251 14.25 -18.28 6.56
CA CYS A 251 13.28 -17.33 7.12
C CYS A 251 14.03 -16.08 7.64
N TRP A 252 15.26 -16.26 8.13
CA TRP A 252 16.04 -15.17 8.68
C TRP A 252 16.99 -14.52 7.68
N ALA A 253 16.65 -14.51 6.38
CA ALA A 253 17.44 -13.79 5.39
C ALA A 253 17.20 -12.30 5.66
N TYR A 254 18.27 -11.49 5.77
CA TYR A 254 18.15 -10.06 6.09
C TYR A 254 17.22 -9.34 5.12
N ASP A 255 17.39 -9.63 3.82
CA ASP A 255 16.56 -9.06 2.77
C ASP A 255 15.23 -9.81 2.70
N PRO A 256 14.11 -9.13 2.96
CA PRO A 256 12.80 -9.81 2.94
C PRO A 256 12.44 -10.51 1.63
N SER A 257 12.97 -10.03 0.49
CA SER A 257 12.66 -10.66 -0.78
C SER A 257 13.38 -12.01 -0.99
N ARG A 258 14.41 -12.31 -0.17
CA ARG A 258 15.11 -13.58 -0.25
C ARG A 258 14.51 -14.66 0.69
N ARG A 259 13.49 -14.31 1.49
CA ARG A 259 12.84 -15.22 2.41
C ARG A 259 11.76 -16.01 1.66
N PRO A 260 11.58 -17.30 1.97
CA PRO A 260 10.50 -18.05 1.31
C PRO A 260 9.08 -17.60 1.72
N ARG A 261 8.08 -17.94 0.91
CA ARG A 261 6.69 -17.70 1.25
C ARG A 261 6.21 -18.91 2.10
N PHE A 262 5.07 -18.77 2.74
CA PHE A 262 4.53 -19.80 3.61
C PHE A 262 4.18 -21.10 2.87
N THR A 263 3.75 -21.01 1.60
CA THR A 263 3.45 -22.22 0.82
C THR A 263 4.73 -23.07 0.62
N GLU A 264 5.89 -22.40 0.47
CA GLU A 264 7.17 -23.07 0.33
C GLU A 264 7.57 -23.73 1.66
N LEU A 265 7.43 -23.01 2.79
CA LEU A 265 7.74 -23.54 4.12
C LEU A 265 6.86 -24.78 4.40
N LYS A 266 5.56 -24.69 4.06
CA LYS A 266 4.61 -25.80 4.22
C LYS A 266 5.08 -27.07 3.48
N ALA A 267 5.52 -26.92 2.23
CA ALA A 267 5.97 -28.06 1.44
C ALA A 267 7.23 -28.71 2.01
N GLN A 268 8.22 -27.89 2.43
CA GLN A 268 9.48 -28.40 2.98
C GLN A 268 9.25 -29.05 4.33
N LEU A 269 8.42 -28.46 5.18
CA LEU A 269 8.06 -29.02 6.49
C LEU A 269 7.37 -30.38 6.35
N SER A 270 6.57 -30.55 5.30
CA SER A 270 5.87 -31.80 5.04
C SER A 270 6.89 -32.91 4.72
N THR A 271 7.91 -32.57 3.95
CA THR A 271 8.98 -33.46 3.55
C THR A 271 9.82 -33.82 4.76
N ILE A 272 10.15 -32.81 5.61
CA ILE A 272 10.94 -32.97 6.84
C ILE A 272 10.19 -33.88 7.84
N LEU A 273 8.87 -33.70 7.95
CA LEU A 273 8.01 -34.51 8.81
C LEU A 273 7.95 -35.97 8.35
N GLU A 274 7.81 -36.21 7.04
CA GLU A 274 7.78 -37.56 6.45
C GLU A 274 9.10 -38.28 6.67
N GLU A 275 10.22 -37.57 6.49
CA GLU A 275 11.55 -38.14 6.70
C GLU A 275 11.76 -38.58 8.15
N GLU A 276 11.28 -37.79 9.11
CA GLU A 276 11.43 -38.13 10.52
C GLU A 276 10.58 -39.36 10.86
N LYS A 277 9.35 -39.43 10.32
CA LYS A 277 8.48 -40.58 10.56
C LYS A 277 9.10 -41.87 10.02
N ALA A 278 9.84 -41.78 8.91
CA ALA A 278 10.47 -42.95 8.31
C ALA A 278 11.52 -43.58 9.24
N GLN A 279 12.36 -42.77 9.90
CA GLN A 279 13.36 -43.32 10.82
C GLN A 279 12.86 -43.49 12.25
N ASP B 7 13.28 4.14 16.25
CA ASP B 7 13.07 4.00 14.81
C ASP B 7 13.58 5.23 13.98
N TYR B 8 13.72 5.01 12.66
CA TYR B 8 14.23 5.96 11.69
C TYR B 8 13.14 6.67 10.90
N GLU B 9 11.90 6.69 11.38
CA GLU B 9 10.81 7.36 10.67
C GLU B 9 10.87 8.89 10.82
N ILE B 10 10.76 9.60 9.71
CA ILE B 10 10.76 11.05 9.71
C ILE B 10 9.44 11.53 9.10
N GLN B 11 8.85 12.59 9.64
CA GLN B 11 7.64 13.18 9.09
C GLN B 11 8.03 14.10 7.93
N ARG B 12 7.28 14.04 6.82
CA ARG B 12 7.57 14.83 5.64
C ARG B 12 7.64 16.33 5.88
N GLU B 13 6.80 16.84 6.79
CA GLU B 13 6.82 18.27 7.10
C GLU B 13 8.12 18.73 7.74
N ARG B 14 8.99 17.80 8.21
CA ARG B 14 10.30 18.14 8.77
C ARG B 14 11.42 18.15 7.74
N ILE B 15 11.12 18.06 6.44
CA ILE B 15 12.10 18.07 5.37
C ILE B 15 11.79 19.21 4.40
N GLU B 16 12.74 20.11 4.16
CA GLU B 16 12.57 21.16 3.16
C GLU B 16 13.38 20.71 1.94
N LEU B 17 12.67 20.36 0.86
CA LEU B 17 13.24 19.89 -0.38
C LEU B 17 13.87 21.04 -1.15
N GLY B 18 15.12 20.86 -1.57
CA GLY B 18 15.87 21.85 -2.34
C GLY B 18 16.24 21.37 -3.73
N ARG B 19 17.33 21.90 -4.28
CA ARG B 19 17.83 21.65 -5.62
C ARG B 19 18.15 20.16 -5.93
N CYS B 20 17.84 19.70 -7.16
CA CYS B 20 18.15 18.35 -7.61
C CYS B 20 19.69 18.26 -7.75
N ILE B 21 20.31 17.24 -7.14
CA ILE B 21 21.76 17.04 -7.19
C ILE B 21 22.19 15.77 -7.92
N GLY B 22 21.25 15.07 -8.56
CA GLY B 22 21.58 13.84 -9.26
C GLY B 22 20.39 12.96 -9.50
N GLU B 23 20.59 11.92 -10.29
CA GLU B 23 19.52 10.99 -10.62
C GLU B 23 19.97 9.60 -10.19
N GLY B 24 19.07 8.91 -9.51
CA GLY B 24 19.32 7.54 -9.10
C GLY B 24 18.49 6.55 -9.89
N GLN B 25 18.58 5.28 -9.50
CA GLN B 25 17.85 4.21 -10.16
C GLN B 25 16.35 4.29 -9.88
N PHE B 26 15.97 4.73 -8.66
CA PHE B 26 14.56 4.82 -8.27
C PHE B 26 13.93 6.21 -8.46
N GLY B 27 14.75 7.23 -8.59
CA GLY B 27 14.27 8.59 -8.80
C GLY B 27 15.33 9.64 -8.58
N ASP B 28 14.93 10.91 -8.61
CA ASP B 28 15.83 12.03 -8.40
C ASP B 28 16.36 12.10 -6.96
N VAL B 29 17.54 12.67 -6.81
CA VAL B 29 18.17 12.88 -5.52
C VAL B 29 18.27 14.39 -5.35
N HIS B 30 17.81 14.89 -4.21
CA HIS B 30 17.81 16.32 -3.94
C HIS B 30 18.66 16.70 -2.75
N GLN B 31 19.05 17.94 -2.71
CA GLN B 31 19.71 18.55 -1.57
C GLN B 31 18.55 19.10 -0.72
N GLY B 32 18.72 19.18 0.58
CA GLY B 32 17.66 19.70 1.45
C GLY B 32 18.05 19.93 2.88
N ILE B 33 17.03 20.18 3.72
CA ILE B 33 17.24 20.44 5.13
C ILE B 33 16.31 19.58 5.98
N TYR B 34 16.84 18.97 7.03
CA TYR B 34 16.07 18.19 7.97
C TYR B 34 15.96 19.03 9.24
N MET B 35 14.74 19.46 9.57
CA MET B 35 14.47 20.25 10.77
C MET B 35 14.34 19.30 11.94
N SER B 36 15.49 18.94 12.51
CA SER B 36 15.62 18.01 13.62
C SER B 36 14.96 18.60 14.88
N PRO B 37 14.28 17.75 15.68
CA PRO B 37 13.63 18.26 16.89
C PRO B 37 14.63 18.67 17.99
N GLU B 38 14.46 19.89 18.55
CA GLU B 38 15.31 20.55 19.57
C GLU B 38 16.83 20.50 19.24
N ASN B 39 17.18 20.53 17.95
CA ASN B 39 18.58 20.59 17.49
C ASN B 39 18.69 21.57 16.29
N PRO B 40 19.90 22.02 15.87
CA PRO B 40 19.98 22.83 14.65
C PRO B 40 19.65 21.95 13.43
N ALA B 41 19.06 22.54 12.39
CA ALA B 41 18.69 21.82 11.20
C ALA B 41 19.93 21.25 10.46
N LEU B 42 19.79 20.08 9.87
CA LEU B 42 20.89 19.41 9.19
C LEU B 42 20.76 19.53 7.69
N ALA B 43 21.89 19.64 7.00
CA ALA B 43 21.91 19.62 5.54
C ALA B 43 21.87 18.12 5.17
N VAL B 44 20.91 17.75 4.32
CA VAL B 44 20.69 16.36 3.96
C VAL B 44 20.59 16.16 2.45
N ALA B 45 20.74 14.90 2.00
CA ALA B 45 20.49 14.46 0.64
C ALA B 45 19.20 13.59 0.70
N ILE B 46 18.29 13.78 -0.24
CA ILE B 46 17.03 13.08 -0.26
C ILE B 46 16.90 12.21 -1.50
N LYS B 47 16.85 10.90 -1.27
CA LYS B 47 16.66 9.95 -2.35
C LYS B 47 15.15 9.80 -2.53
N THR B 48 14.61 10.22 -3.67
CA THR B 48 13.18 10.08 -3.94
C THR B 48 12.93 8.81 -4.76
N CYS B 49 11.71 8.31 -4.71
CA CYS B 49 11.34 7.12 -5.44
C CYS B 49 10.06 7.40 -6.22
N LYS B 50 10.12 7.20 -7.56
CA LYS B 50 9.00 7.45 -8.45
C LYS B 50 7.96 6.34 -8.45
N ASN B 51 8.40 5.08 -8.51
CA ASN B 51 7.51 3.92 -8.61
C ASN B 51 7.38 3.14 -7.31
N CYS B 52 7.49 3.80 -6.15
CA CYS B 52 7.39 3.08 -4.87
C CYS B 52 5.94 2.77 -4.48
N THR B 53 4.97 2.94 -5.41
CA THR B 53 3.56 2.53 -5.22
C THR B 53 3.50 1.00 -5.21
N SER B 54 4.33 0.34 -6.04
CA SER B 54 4.47 -1.11 -6.09
C SER B 54 5.21 -1.53 -4.81
N ASP B 55 4.75 -2.61 -4.16
CA ASP B 55 5.37 -3.12 -2.94
C ASP B 55 6.76 -3.65 -3.15
N SER B 56 7.03 -4.23 -4.33
CA SER B 56 8.37 -4.77 -4.61
C SER B 56 9.40 -3.68 -4.77
N VAL B 57 9.05 -2.60 -5.51
CA VAL B 57 9.95 -1.46 -5.71
C VAL B 57 10.27 -0.79 -4.38
N ARG B 58 9.24 -0.55 -3.56
CA ARG B 58 9.34 0.04 -2.23
C ARG B 58 10.25 -0.78 -1.30
N GLU B 59 10.08 -2.10 -1.33
CA GLU B 59 10.87 -3.00 -0.51
C GLU B 59 12.36 -2.95 -0.90
N LYS B 60 12.62 -2.92 -2.20
CA LYS B 60 13.98 -2.85 -2.76
C LYS B 60 14.63 -1.51 -2.43
N PHE B 61 13.85 -0.41 -2.53
CA PHE B 61 14.33 0.94 -2.25
C PHE B 61 14.66 1.10 -0.77
N LEU B 62 13.78 0.66 0.11
CA LEU B 62 13.99 0.75 1.57
C LEU B 62 15.13 -0.17 2.06
N GLN B 63 15.45 -1.21 1.29
CA GLN B 63 16.57 -2.09 1.62
C GLN B 63 17.91 -1.33 1.47
N GLU B 64 17.98 -0.32 0.57
CA GLU B 64 19.18 0.51 0.41
C GLU B 64 19.44 1.35 1.66
N ALA B 65 18.37 1.78 2.36
CA ALA B 65 18.48 2.51 3.62
C ALA B 65 19.00 1.54 4.73
N LEU B 66 18.47 0.32 4.79
CA LEU B 66 18.90 -0.68 5.75
C LEU B 66 20.38 -1.05 5.56
N THR B 67 20.85 -1.02 4.30
CA THR B 67 22.25 -1.32 3.98
C THR B 67 23.13 -0.25 4.64
N MET B 68 22.77 1.04 4.48
CA MET B 68 23.56 2.14 5.05
C MET B 68 23.45 2.26 6.56
N ARG B 69 22.29 1.90 7.12
CA ARG B 69 21.97 1.93 8.54
C ARG B 69 22.95 1.08 9.37
N GLN B 70 23.36 -0.08 8.86
CA GLN B 70 24.27 -0.98 9.55
C GLN B 70 25.70 -0.44 9.71
N PHE B 71 26.04 0.69 9.05
CA PHE B 71 27.38 1.24 9.17
C PHE B 71 27.50 2.45 10.06
N ASP B 72 28.65 2.59 10.70
CA ASP B 72 28.92 3.75 11.53
C ASP B 72 30.38 4.11 11.39
N HIS B 73 30.70 4.90 10.35
CA HIS B 73 32.08 5.28 10.09
C HIS B 73 32.14 6.73 9.66
N PRO B 74 33.12 7.49 10.18
CA PRO B 74 33.23 8.91 9.79
C PRO B 74 33.51 9.17 8.31
N HIS B 75 33.91 8.15 7.52
CA HIS B 75 34.16 8.34 6.10
C HIS B 75 33.21 7.56 5.19
N ILE B 76 32.00 7.30 5.69
CA ILE B 76 30.86 6.69 4.99
C ILE B 76 29.62 7.54 5.34
N VAL B 77 28.85 7.99 4.32
CA VAL B 77 27.64 8.79 4.55
C VAL B 77 26.64 8.09 5.45
N LYS B 78 26.09 8.80 6.47
CA LYS B 78 25.12 8.23 7.42
C LYS B 78 23.70 8.34 6.93
N LEU B 79 22.89 7.34 7.33
CA LEU B 79 21.46 7.36 7.11
C LEU B 79 20.91 8.19 8.27
N ILE B 80 20.13 9.22 7.94
CA ILE B 80 19.46 10.07 8.94
C ILE B 80 18.10 9.44 9.30
N GLY B 81 17.35 9.01 8.29
CA GLY B 81 16.06 8.38 8.46
C GLY B 81 15.31 8.16 7.15
N VAL B 82 14.04 7.70 7.23
CA VAL B 82 13.21 7.43 6.05
C VAL B 82 11.80 7.98 6.21
N ILE B 83 11.15 8.28 5.07
CA ILE B 83 9.74 8.68 5.04
C ILE B 83 9.05 7.52 4.31
N THR B 84 8.22 6.74 5.05
CA THR B 84 7.58 5.54 4.49
C THR B 84 6.19 5.75 3.90
N GLU B 85 5.66 6.96 3.94
CA GLU B 85 4.40 7.27 3.27
C GLU B 85 4.73 7.58 1.78
N ASN B 86 3.78 7.37 0.86
CA ASN B 86 4.03 7.67 -0.56
C ASN B 86 4.05 9.19 -0.83
N PRO B 87 5.08 9.74 -1.49
CA PRO B 87 6.26 9.06 -2.05
C PRO B 87 7.34 8.75 -1.03
N VAL B 88 7.92 7.56 -1.11
CA VAL B 88 8.94 7.12 -0.18
C VAL B 88 10.26 7.88 -0.41
N TRP B 89 10.83 8.44 0.67
CA TRP B 89 12.09 9.18 0.59
C TRP B 89 13.12 8.60 1.58
N ILE B 90 14.41 8.67 1.22
CA ILE B 90 15.49 8.23 2.11
C ILE B 90 16.30 9.47 2.42
N ILE B 91 16.42 9.79 3.71
CA ILE B 91 17.17 10.96 4.17
C ILE B 91 18.60 10.58 4.57
N MET B 92 19.57 11.05 3.81
CA MET B 92 20.99 10.78 4.05
C MET B 92 21.71 12.04 4.45
N GLU B 93 22.88 11.88 5.08
CA GLU B 93 23.80 12.95 5.47
C GLU B 93 24.33 13.56 4.16
N LEU B 94 24.24 14.90 3.99
CA LEU B 94 24.77 15.54 2.77
C LEU B 94 26.24 15.90 2.94
N CYS B 95 27.03 15.65 1.92
CA CYS B 95 28.45 16.04 1.81
C CYS B 95 28.37 17.30 1.01
N THR B 96 28.51 18.44 1.68
CA THR B 96 28.28 19.77 1.13
C THR B 96 29.00 20.09 -0.17
N LEU B 97 30.28 19.70 -0.31
CA LEU B 97 31.05 20.09 -1.48
C LEU B 97 30.87 19.19 -2.72
N GLY B 98 30.00 18.19 -2.65
CA GLY B 98 29.68 17.36 -3.81
C GLY B 98 30.59 16.21 -4.18
N GLU B 99 30.53 15.82 -5.45
CA GLU B 99 31.29 14.71 -6.04
C GLU B 99 32.83 14.96 -6.09
N LEU B 100 33.62 13.96 -5.70
CA LEU B 100 35.08 14.07 -5.66
C LEU B 100 35.72 14.40 -7.02
N ARG B 101 35.25 13.79 -8.12
CA ARG B 101 35.82 14.06 -9.44
C ARG B 101 35.74 15.50 -9.83
N SER B 102 34.55 16.11 -9.77
CA SER B 102 34.41 17.51 -10.12
C SER B 102 35.26 18.37 -9.21
N PHE B 103 35.28 18.03 -7.93
CA PHE B 103 36.08 18.72 -6.94
C PHE B 103 37.56 18.74 -7.39
N LEU B 104 38.15 17.56 -7.70
CA LEU B 104 39.54 17.49 -8.16
C LEU B 104 39.76 18.07 -9.58
N GLN B 105 38.85 17.80 -10.53
CA GLN B 105 38.96 18.24 -11.92
C GLN B 105 39.13 19.74 -12.02
N VAL B 106 38.27 20.44 -11.31
CA VAL B 106 38.27 21.89 -11.29
C VAL B 106 39.48 22.45 -10.53
N ARG B 107 39.97 21.72 -9.53
CA ARG B 107 41.12 22.16 -8.76
C ARG B 107 42.45 21.66 -9.30
N LYS B 108 42.48 21.01 -10.49
CA LYS B 108 43.65 20.43 -11.20
C LYS B 108 44.98 21.12 -10.91
N TYR B 109 45.89 20.39 -10.25
CA TYR B 109 47.24 20.81 -9.91
C TYR B 109 47.35 21.92 -8.81
N SER B 110 46.23 22.38 -8.23
CA SER B 110 46.22 23.38 -7.15
C SER B 110 46.00 22.79 -5.73
N LEU B 111 45.72 21.48 -5.65
CA LEU B 111 45.59 20.75 -4.40
C LEU B 111 46.97 20.14 -4.17
N ASP B 112 47.54 20.33 -2.97
CA ASP B 112 48.85 19.74 -2.73
C ASP B 112 48.75 18.22 -2.59
N LEU B 113 49.88 17.55 -2.84
CA LEU B 113 49.99 16.09 -2.80
C LEU B 113 49.50 15.51 -1.48
N ALA B 114 49.76 16.21 -0.37
CA ALA B 114 49.32 15.83 0.97
C ALA B 114 47.79 15.63 1.02
N SER B 115 47.03 16.58 0.43
CA SER B 115 45.59 16.53 0.37
C SER B 115 45.10 15.29 -0.38
N LEU B 116 45.68 15.00 -1.56
CA LEU B 116 45.30 13.86 -2.37
C LEU B 116 45.55 12.51 -1.65
N ILE B 117 46.71 12.39 -0.98
CA ILE B 117 47.06 11.18 -0.21
C ILE B 117 46.12 11.06 1.03
N LEU B 118 45.75 12.20 1.64
CA LEU B 118 44.81 12.19 2.78
C LEU B 118 43.47 11.61 2.35
N TYR B 119 42.95 12.00 1.16
CA TYR B 119 41.68 11.47 0.64
C TYR B 119 41.76 9.96 0.47
N ALA B 120 42.85 9.46 -0.16
CA ALA B 120 43.11 8.03 -0.36
C ALA B 120 43.18 7.30 0.98
N TYR B 121 43.85 7.88 1.98
CA TYR B 121 43.97 7.29 3.30
C TYR B 121 42.62 7.22 4.00
N GLN B 122 41.82 8.29 3.90
CA GLN B 122 40.49 8.34 4.50
C GLN B 122 39.60 7.27 3.92
N LEU B 123 39.66 7.07 2.58
CA LEU B 123 38.89 6.03 1.90
C LEU B 123 39.33 4.63 2.32
N SER B 124 40.63 4.44 2.57
CA SER B 124 41.14 3.13 2.99
C SER B 124 40.66 2.75 4.41
N THR B 125 40.45 3.71 5.31
CA THR B 125 39.95 3.37 6.67
C THR B 125 38.45 2.94 6.59
N ALA B 126 37.67 3.59 5.72
CA ALA B 126 36.28 3.21 5.50
C ALA B 126 36.21 1.83 4.82
N LEU B 127 37.09 1.56 3.86
CA LEU B 127 37.09 0.27 3.18
C LEU B 127 37.63 -0.84 4.07
N ALA B 128 38.59 -0.52 4.96
CA ALA B 128 39.06 -1.51 5.93
C ALA B 128 37.94 -1.84 6.94
N TYR B 129 37.08 -0.82 7.27
CA TYR B 129 35.92 -0.99 8.13
C TYR B 129 34.90 -1.89 7.43
N LEU B 130 34.59 -1.64 6.15
CA LEU B 130 33.68 -2.47 5.37
C LEU B 130 34.16 -3.94 5.31
N GLU B 131 35.47 -4.13 5.16
CA GLU B 131 36.14 -5.43 5.10
C GLU B 131 36.00 -6.15 6.45
N SER B 132 36.13 -5.42 7.57
CA SER B 132 35.96 -5.98 8.91
C SER B 132 34.52 -6.53 9.13
N LYS B 133 33.54 -5.91 8.46
CA LYS B 133 32.13 -6.31 8.52
C LYS B 133 31.73 -7.27 7.38
N ARG B 134 32.72 -7.81 6.63
CA ARG B 134 32.58 -8.74 5.51
C ARG B 134 31.62 -8.22 4.45
N PHE B 135 31.69 -6.90 4.16
CA PHE B 135 30.81 -6.27 3.18
C PHE B 135 31.58 -5.91 1.91
N VAL B 136 31.04 -6.30 0.75
CA VAL B 136 31.65 -6.05 -0.55
C VAL B 136 30.87 -4.95 -1.20
N HIS B 137 31.58 -3.86 -1.58
CA HIS B 137 31.02 -2.68 -2.20
C HIS B 137 30.62 -2.92 -3.67
N ARG B 138 31.57 -3.41 -4.53
CA ARG B 138 31.36 -3.70 -5.96
C ARG B 138 31.52 -2.52 -6.91
N ASP B 139 31.54 -1.28 -6.39
CA ASP B 139 31.55 -0.10 -7.25
C ASP B 139 32.47 1.02 -6.74
N ILE B 140 33.71 0.68 -6.35
CA ILE B 140 34.64 1.70 -5.86
C ILE B 140 35.27 2.44 -7.03
N ALA B 141 34.98 3.74 -7.11
CA ALA B 141 35.45 4.66 -8.14
C ALA B 141 35.30 6.08 -7.58
N ALA B 142 36.07 7.04 -8.13
CA ALA B 142 36.00 8.43 -7.65
C ALA B 142 34.63 9.05 -7.86
N ARG B 143 33.84 8.53 -8.83
CA ARG B 143 32.48 9.03 -9.06
C ARG B 143 31.56 8.76 -7.84
N ASN B 144 31.87 7.73 -7.02
CA ASN B 144 31.06 7.43 -5.83
C ASN B 144 31.68 7.89 -4.52
N VAL B 145 32.60 8.85 -4.60
CA VAL B 145 33.19 9.46 -3.44
C VAL B 145 32.71 10.92 -3.38
N LEU B 146 32.38 11.38 -2.19
CA LEU B 146 31.86 12.72 -1.96
C LEU B 146 32.74 13.53 -1.03
N VAL B 147 32.62 14.85 -1.11
CA VAL B 147 33.44 15.77 -0.34
C VAL B 147 32.62 16.50 0.71
N SER B 148 32.92 16.21 1.99
CA SER B 148 32.26 16.87 3.13
C SER B 148 32.86 18.24 3.39
N SER B 149 34.17 18.35 3.24
CA SER B 149 34.97 19.56 3.44
C SER B 149 36.31 19.36 2.67
N ASN B 150 37.14 20.40 2.60
CA ASN B 150 38.45 20.32 1.91
C ASN B 150 39.34 19.24 2.47
N ASP B 151 39.16 18.85 3.75
CA ASP B 151 40.00 17.79 4.32
C ASP B 151 39.20 16.58 4.77
N CYS B 152 38.11 16.29 4.06
CA CYS B 152 37.26 15.16 4.42
C CYS B 152 36.45 14.61 3.25
N VAL B 153 36.73 13.37 2.86
CA VAL B 153 35.96 12.71 1.84
C VAL B 153 35.23 11.49 2.45
N LYS B 154 34.14 11.08 1.81
CA LYS B 154 33.36 9.94 2.27
C LYS B 154 32.90 9.09 1.11
N LEU B 155 32.72 7.78 1.36
CA LEU B 155 32.10 6.89 0.40
C LEU B 155 30.61 7.32 0.34
N GLY B 156 30.11 7.56 -0.86
CA GLY B 156 28.72 7.93 -1.04
C GLY B 156 27.76 6.80 -0.81
N ASP B 157 26.46 7.06 -1.06
CA ASP B 157 25.42 6.05 -0.85
C ASP B 157 25.68 4.80 -1.70
N PHE B 158 25.52 3.62 -1.11
CA PHE B 158 25.82 2.36 -1.81
C PHE B 158 24.80 2.01 -2.89
N GLY B 159 23.54 2.35 -2.64
CA GLY B 159 22.47 2.16 -3.59
C GLY B 159 22.64 3.03 -4.83
N LEU B 160 23.06 4.29 -4.64
CA LEU B 160 23.31 5.21 -5.76
C LEU B 160 24.62 4.90 -6.53
N SER B 161 25.50 4.07 -5.94
CA SER B 161 26.80 3.68 -6.54
C SER B 161 26.67 2.82 -7.80
N ARG B 162 25.54 2.15 -7.96
CA ARG B 162 25.28 1.24 -9.08
C ARG B 162 25.14 1.97 -10.42
N LYS B 176 26.39 1.27 -17.63
CA LYS B 176 25.97 0.09 -16.87
C LYS B 176 27.17 -0.72 -16.36
N LEU B 177 28.11 -1.08 -17.24
CA LEU B 177 29.27 -1.86 -16.77
C LEU B 177 30.54 -1.03 -16.67
N PRO B 178 31.04 -0.81 -15.44
CA PRO B 178 32.26 0.00 -15.27
C PRO B 178 33.53 -0.81 -15.52
N ILE B 179 33.71 -1.28 -16.76
CA ILE B 179 34.83 -2.12 -17.17
C ILE B 179 36.21 -1.53 -16.83
N LYS B 180 36.41 -0.22 -17.04
CA LYS B 180 37.69 0.45 -16.78
C LYS B 180 38.11 0.48 -15.30
N TRP B 181 37.23 0.08 -14.38
CA TRP B 181 37.50 0.03 -12.93
C TRP B 181 37.53 -1.40 -12.38
N MET B 182 36.96 -2.36 -13.12
CA MET B 182 36.76 -3.71 -12.67
C MET B 182 37.96 -4.62 -12.74
N ALA B 183 38.04 -5.46 -11.68
CA ALA B 183 39.02 -6.50 -11.49
C ALA B 183 38.77 -7.56 -12.59
N PRO B 184 39.83 -8.24 -13.10
CA PRO B 184 39.63 -9.23 -14.17
C PRO B 184 38.58 -10.30 -13.85
N GLU B 185 38.55 -10.81 -12.61
CA GLU B 185 37.57 -11.83 -12.22
C GLU B 185 36.12 -11.31 -12.20
N SER B 186 35.93 -10.00 -12.08
CA SER B 186 34.60 -9.39 -12.14
C SER B 186 34.16 -9.30 -13.61
N ILE B 187 35.07 -8.94 -14.50
CA ILE B 187 34.77 -8.85 -15.92
C ILE B 187 34.54 -10.27 -16.50
N ASN B 188 35.43 -11.21 -16.17
CA ASN B 188 35.33 -12.56 -16.69
C ASN B 188 34.30 -13.46 -16.03
N PHE B 189 34.17 -13.44 -14.70
CA PHE B 189 33.25 -14.36 -14.03
C PHE B 189 32.19 -13.71 -13.16
N ARG B 190 32.05 -12.38 -13.22
CA ARG B 190 31.10 -11.63 -12.38
C ARG B 190 31.35 -11.88 -10.89
N ARG B 191 32.59 -12.15 -10.52
CA ARG B 191 32.95 -12.44 -9.17
C ARG B 191 33.37 -11.14 -8.49
N PHE B 192 32.66 -10.85 -7.41
CA PHE B 192 32.89 -9.65 -6.65
C PHE B 192 33.19 -10.04 -5.21
N THR B 193 34.38 -9.66 -4.73
CA THR B 193 34.85 -9.95 -3.37
C THR B 193 35.55 -8.67 -2.81
N SER B 194 36.05 -8.72 -1.55
CA SER B 194 36.87 -7.64 -1.00
C SER B 194 38.18 -7.48 -1.82
N ALA B 195 38.69 -8.55 -2.45
CA ALA B 195 39.92 -8.47 -3.25
C ALA B 195 39.64 -7.70 -4.55
N SER B 196 38.44 -7.85 -5.13
CA SER B 196 38.08 -7.09 -6.33
C SER B 196 37.83 -5.60 -5.96
N ASP B 197 37.39 -5.33 -4.71
CA ASP B 197 37.21 -3.99 -4.18
C ASP B 197 38.58 -3.29 -4.08
N VAL B 198 39.63 -4.06 -3.68
CA VAL B 198 41.01 -3.57 -3.59
C VAL B 198 41.52 -3.15 -4.98
N TRP B 199 41.22 -3.94 -6.02
CA TRP B 199 41.58 -3.61 -7.40
C TRP B 199 40.94 -2.24 -7.79
N MET B 200 39.63 -2.08 -7.55
CA MET B 200 38.85 -0.87 -7.83
C MET B 200 39.40 0.31 -7.03
N PHE B 201 39.77 0.09 -5.75
CA PHE B 201 40.37 1.12 -4.90
C PHE B 201 41.70 1.60 -5.45
N GLY B 202 42.48 0.70 -6.07
CA GLY B 202 43.73 1.07 -6.72
C GLY B 202 43.49 2.05 -7.86
N VAL B 203 42.42 1.79 -8.66
CA VAL B 203 41.97 2.64 -9.78
C VAL B 203 41.47 3.99 -9.23
N CYS B 204 40.76 3.95 -8.11
CA CYS B 204 40.25 5.15 -7.43
C CYS B 204 41.44 6.04 -6.97
N MET B 205 42.47 5.42 -6.37
CA MET B 205 43.71 6.11 -5.97
C MET B 205 44.40 6.78 -7.17
N TRP B 206 44.45 6.07 -8.31
CA TRP B 206 45.01 6.58 -9.56
C TRP B 206 44.23 7.83 -10.00
N GLU B 207 42.86 7.75 -9.97
CA GLU B 207 41.97 8.88 -10.33
C GLU B 207 42.22 10.10 -9.45
N ILE B 208 42.45 9.90 -8.14
CA ILE B 208 42.71 10.99 -7.21
C ILE B 208 44.00 11.68 -7.58
N LEU B 209 45.06 10.88 -7.83
CA LEU B 209 46.36 11.44 -8.22
C LEU B 209 46.36 12.10 -9.61
N MET B 210 45.44 11.67 -10.47
CA MET B 210 45.24 12.22 -11.79
C MET B 210 44.21 13.39 -11.80
N HIS B 211 43.81 13.89 -10.60
CA HIS B 211 42.86 15.00 -10.44
C HIS B 211 41.53 14.79 -11.15
N GLY B 212 40.95 13.61 -10.99
CA GLY B 212 39.65 13.31 -11.57
C GLY B 212 39.63 12.91 -13.03
N VAL B 213 40.81 12.57 -13.61
CA VAL B 213 40.86 12.09 -15.00
C VAL B 213 40.39 10.63 -14.98
N LYS B 214 39.55 10.25 -15.96
CA LYS B 214 39.01 8.90 -16.03
C LYS B 214 40.09 7.92 -16.50
N PRO B 215 40.11 6.69 -15.95
CA PRO B 215 41.09 5.70 -16.45
C PRO B 215 40.81 5.31 -17.90
N PHE B 216 41.86 4.96 -18.68
CA PHE B 216 41.75 4.50 -20.06
C PHE B 216 40.90 5.42 -20.95
N GLN B 217 41.11 6.73 -20.81
CA GLN B 217 40.40 7.72 -21.60
C GLN B 217 40.70 7.55 -23.10
N GLY B 218 39.64 7.46 -23.90
CA GLY B 218 39.76 7.28 -25.34
C GLY B 218 40.07 5.86 -25.78
N VAL B 219 39.87 4.89 -24.87
CA VAL B 219 40.09 3.46 -25.12
C VAL B 219 38.73 2.76 -25.02
N LYS B 220 38.34 2.00 -26.04
CA LYS B 220 37.05 1.31 -26.04
C LYS B 220 37.05 0.19 -25.01
N ASN B 221 35.92 -0.03 -24.32
CA ASN B 221 35.80 -1.04 -23.25
C ASN B 221 36.32 -2.45 -23.66
N ASN B 222 36.32 -2.78 -24.96
CA ASN B 222 36.82 -4.09 -25.41
C ASN B 222 38.36 -4.14 -25.51
N ASP B 223 38.96 -3.00 -25.83
CA ASP B 223 40.40 -2.81 -25.90
C ASP B 223 41.02 -2.86 -24.45
N VAL B 224 40.22 -2.50 -23.40
CA VAL B 224 40.64 -2.49 -22.00
C VAL B 224 40.91 -3.90 -21.46
N ILE B 225 39.95 -4.81 -21.70
CA ILE B 225 40.01 -6.20 -21.26
C ILE B 225 41.27 -6.86 -21.78
N GLY B 226 41.56 -6.62 -23.04
CA GLY B 226 42.73 -7.15 -23.71
C GLY B 226 43.99 -6.62 -23.09
N ARG B 227 44.05 -5.32 -22.78
CA ARG B 227 45.22 -4.67 -22.19
C ARG B 227 45.52 -5.21 -20.81
N ILE B 228 44.49 -5.29 -19.97
CA ILE B 228 44.58 -5.77 -18.59
C ILE B 228 45.02 -7.23 -18.53
N GLU B 229 44.42 -8.08 -19.38
CA GLU B 229 44.80 -9.48 -19.42
C GLU B 229 46.23 -9.67 -19.90
N ASN B 230 46.69 -8.79 -20.78
CA ASN B 230 48.06 -8.81 -21.29
C ASN B 230 49.08 -8.23 -20.27
N GLY B 231 48.64 -7.84 -19.07
CA GLY B 231 49.51 -7.30 -18.04
C GLY B 231 49.70 -5.79 -18.05
N GLU B 232 49.04 -5.10 -18.96
CA GLU B 232 49.15 -3.64 -19.03
C GLU B 232 48.36 -2.96 -17.90
N ARG B 233 48.96 -1.94 -17.29
CA ARG B 233 48.33 -1.22 -16.19
C ARG B 233 48.30 0.29 -16.44
N LEU B 234 47.51 1.03 -15.64
CA LEU B 234 47.42 2.49 -15.72
C LEU B 234 48.79 3.08 -15.41
N PRO B 235 49.20 4.11 -16.15
CA PRO B 235 50.56 4.63 -15.97
C PRO B 235 50.75 5.39 -14.67
N MET B 236 52.02 5.54 -14.25
CA MET B 236 52.34 6.28 -13.03
C MET B 236 51.96 7.73 -13.24
N PRO B 237 51.06 8.26 -12.38
CA PRO B 237 50.67 9.67 -12.53
C PRO B 237 51.87 10.57 -12.29
N PRO B 238 51.96 11.70 -13.00
CA PRO B 238 53.09 12.63 -12.77
C PRO B 238 53.08 13.13 -11.31
N ASN B 239 54.26 13.21 -10.68
CA ASN B 239 54.36 13.66 -9.26
C ASN B 239 53.77 12.68 -8.25
N CYS B 240 53.49 11.43 -8.64
CA CYS B 240 52.99 10.43 -7.70
C CYS B 240 54.18 9.84 -6.99
N PRO B 241 54.19 9.74 -5.64
CA PRO B 241 55.35 9.10 -4.97
C PRO B 241 55.51 7.65 -5.45
N PRO B 242 56.75 7.20 -5.76
CA PRO B 242 56.92 5.83 -6.25
C PRO B 242 56.36 4.75 -5.33
N THR B 243 56.46 4.95 -4.00
CA THR B 243 55.93 4.01 -3.01
C THR B 243 54.43 3.86 -3.18
N LEU B 244 53.72 4.97 -3.54
CA LEU B 244 52.27 4.99 -3.75
C LEU B 244 51.91 4.31 -5.07
N TYR B 245 52.66 4.55 -6.14
CA TYR B 245 52.40 3.87 -7.41
C TYR B 245 52.64 2.34 -7.25
N SER B 246 53.65 1.96 -6.47
CA SER B 246 53.96 0.55 -6.19
C SER B 246 52.78 -0.10 -5.43
N LEU B 247 52.14 0.66 -4.51
CA LEU B 247 51.02 0.16 -3.75
C LEU B 247 49.83 -0.06 -4.69
N MET B 248 49.61 0.84 -5.66
CA MET B 248 48.56 0.69 -6.67
C MET B 248 48.81 -0.55 -7.54
N THR B 249 50.07 -0.80 -7.96
CA THR B 249 50.36 -1.98 -8.79
C THR B 249 50.11 -3.28 -8.02
N LYS B 250 50.25 -3.28 -6.69
CA LYS B 250 49.94 -4.44 -5.85
C LYS B 250 48.40 -4.66 -5.82
N CYS B 251 47.59 -3.58 -5.85
CA CYS B 251 46.13 -3.69 -5.94
C CYS B 251 45.73 -4.31 -7.28
N TRP B 252 46.52 -4.10 -8.33
CA TRP B 252 46.23 -4.59 -9.65
C TRP B 252 46.92 -5.90 -9.98
N ALA B 253 47.23 -6.74 -8.99
CA ALA B 253 47.79 -8.06 -9.25
C ALA B 253 46.66 -8.89 -9.88
N TYR B 254 46.96 -9.57 -10.99
CA TYR B 254 45.93 -10.34 -11.71
C TYR B 254 45.21 -11.35 -10.79
N ASP B 255 46.00 -12.06 -9.99
CA ASP B 255 45.50 -13.05 -9.05
C ASP B 255 45.03 -12.29 -7.80
N PRO B 256 43.74 -12.42 -7.47
CA PRO B 256 43.21 -11.70 -6.29
C PRO B 256 43.90 -12.05 -4.96
N SER B 257 44.46 -13.25 -4.83
CA SER B 257 45.15 -13.65 -3.60
C SER B 257 46.52 -12.98 -3.42
N ARG B 258 47.07 -12.39 -4.49
CA ARG B 258 48.34 -11.68 -4.40
C ARG B 258 48.17 -10.16 -4.11
N ARG B 259 46.91 -9.68 -4.04
CA ARG B 259 46.59 -8.30 -3.73
C ARG B 259 46.61 -8.09 -2.22
N PRO B 260 47.03 -6.92 -1.73
CA PRO B 260 46.95 -6.66 -0.28
C PRO B 260 45.51 -6.44 0.21
N ARG B 261 45.29 -6.64 1.51
CA ARG B 261 43.99 -6.39 2.13
C ARG B 261 43.92 -4.90 2.51
N PHE B 262 42.71 -4.39 2.79
CA PHE B 262 42.51 -2.98 3.14
C PHE B 262 43.26 -2.55 4.42
N THR B 263 43.42 -3.44 5.41
CA THR B 263 44.19 -3.12 6.61
C THR B 263 45.66 -2.83 6.25
N GLU B 264 46.22 -3.56 5.26
CA GLU B 264 47.59 -3.34 4.80
C GLU B 264 47.66 -2.01 4.03
N LEU B 265 46.67 -1.74 3.17
CA LEU B 265 46.61 -0.51 2.40
C LEU B 265 46.53 0.70 3.34
N LYS B 266 45.76 0.57 4.44
CA LYS B 266 45.59 1.60 5.46
C LYS B 266 46.92 1.89 6.20
N ALA B 267 47.63 0.84 6.61
CA ALA B 267 48.90 0.97 7.29
C ALA B 267 49.99 1.59 6.40
N GLN B 268 50.02 1.17 5.14
CA GLN B 268 50.99 1.69 4.19
C GLN B 268 50.66 3.12 3.74
N LEU B 269 49.39 3.45 3.48
CA LEU B 269 48.98 4.80 3.09
C LEU B 269 49.28 5.83 4.17
N SER B 270 49.13 5.45 5.46
CA SER B 270 49.45 6.35 6.57
C SER B 270 50.96 6.69 6.54
N THR B 271 51.81 5.69 6.24
CA THR B 271 53.26 5.85 6.17
C THR B 271 53.62 6.81 5.03
N ILE B 272 52.97 6.66 3.86
CA ILE B 272 53.18 7.52 2.68
C ILE B 272 52.71 8.95 3.01
N LEU B 273 51.59 9.10 3.73
CA LEU B 273 51.07 10.40 4.12
C LEU B 273 52.05 11.12 5.06
N GLU B 274 52.60 10.41 6.07
CA GLU B 274 53.59 10.96 6.99
C GLU B 274 54.84 11.38 6.23
N GLU B 275 55.31 10.57 5.27
CA GLU B 275 56.50 10.87 4.48
C GLU B 275 56.29 12.12 3.64
N GLU B 276 55.10 12.32 3.07
CA GLU B 276 54.83 13.51 2.27
C GLU B 276 54.82 14.76 3.15
N LYS B 277 54.21 14.67 4.33
CA LYS B 277 54.18 15.79 5.27
C LYS B 277 55.60 16.15 5.75
N ASP C 7 -15.99 20.02 -8.89
CA ASP C 7 -16.44 21.07 -9.82
C ASP C 7 -16.63 22.43 -9.12
N TYR C 8 -16.97 22.41 -7.83
CA TYR C 8 -17.15 23.62 -7.04
C TYR C 8 -15.92 23.90 -6.14
N GLU C 9 -14.75 23.38 -6.49
CA GLU C 9 -13.55 23.53 -5.66
C GLU C 9 -13.01 24.95 -5.58
N ILE C 10 -12.78 25.43 -4.37
CA ILE C 10 -12.23 26.76 -4.12
C ILE C 10 -10.89 26.61 -3.41
N GLN C 11 -9.92 27.47 -3.72
CA GLN C 11 -8.64 27.45 -3.06
C GLN C 11 -8.74 28.23 -1.76
N ARG C 12 -8.20 27.69 -0.66
CA ARG C 12 -8.31 28.34 0.66
C ARG C 12 -7.69 29.73 0.70
N GLU C 13 -6.61 29.94 -0.06
CA GLU C 13 -5.95 31.25 -0.13
C GLU C 13 -6.90 32.35 -0.63
N ARG C 14 -8.01 31.99 -1.31
CA ARG C 14 -9.02 32.91 -1.81
C ARG C 14 -10.15 33.20 -0.82
N ILE C 15 -10.00 32.85 0.46
CA ILE C 15 -11.02 33.10 1.46
C ILE C 15 -10.37 33.90 2.61
N GLU C 16 -11.06 34.94 3.07
CA GLU C 16 -10.62 35.68 4.26
C GLU C 16 -11.67 35.44 5.35
N LEU C 17 -11.31 34.67 6.35
CA LEU C 17 -12.17 34.29 7.48
C LEU C 17 -12.41 35.47 8.42
N GLY C 18 -13.67 35.74 8.70
CA GLY C 18 -14.09 36.83 9.59
C GLY C 18 -14.77 36.33 10.84
N ARG C 19 -15.63 37.17 11.43
CA ARG C 19 -16.33 36.92 12.68
C ARG C 19 -17.22 35.65 12.70
N CYS C 20 -17.23 34.92 13.82
CA CYS C 20 -18.10 33.75 14.00
C CYS C 20 -19.55 34.24 14.05
N ILE C 21 -20.45 33.67 13.24
CA ILE C 21 -21.85 34.07 13.18
C ILE C 21 -22.82 32.96 13.63
N GLY C 22 -22.31 31.86 14.19
CA GLY C 22 -23.16 30.77 14.62
C GLY C 22 -22.43 29.46 14.75
N GLU C 23 -23.10 28.47 15.30
CA GLU C 23 -22.51 27.15 15.49
C GLU C 23 -23.35 26.13 14.79
N GLY C 24 -22.70 25.26 14.04
CA GLY C 24 -23.38 24.16 13.37
C GLY C 24 -23.05 22.82 14.00
N GLN C 25 -23.57 21.75 13.41
CA GLN C 25 -23.38 20.38 13.83
C GLN C 25 -21.91 19.93 13.71
N PHE C 26 -21.23 20.39 12.66
CA PHE C 26 -19.86 19.99 12.39
C PHE C 26 -18.79 20.98 12.86
N GLY C 27 -19.18 22.22 13.09
CA GLY C 27 -18.26 23.24 13.54
C GLY C 27 -18.85 24.64 13.45
N ASP C 28 -18.03 25.64 13.74
CA ASP C 28 -18.44 27.02 13.71
C ASP C 28 -18.72 27.51 12.29
N VAL C 29 -19.60 28.50 12.19
CA VAL C 29 -19.94 29.13 10.92
C VAL C 29 -19.46 30.56 11.03
N HIS C 30 -18.72 31.01 10.01
CA HIS C 30 -18.13 32.35 10.03
C HIS C 30 -18.62 33.20 8.88
N GLN C 31 -18.51 34.49 9.06
CA GLN C 31 -18.75 35.47 8.00
C GLN C 31 -17.36 35.64 7.34
N GLY C 32 -17.32 35.97 6.05
CA GLY C 32 -16.06 36.15 5.38
C GLY C 32 -16.13 36.71 3.98
N ILE C 33 -14.99 36.66 3.28
CA ILE C 33 -14.90 37.18 1.94
C ILE C 33 -14.26 36.14 0.99
N TYR C 34 -14.86 35.99 -0.19
CA TYR C 34 -14.35 35.12 -1.23
C TYR C 34 -13.78 36.04 -2.30
N MET C 35 -12.45 35.99 -2.49
CA MET C 35 -11.76 36.80 -3.48
C MET C 35 -11.89 36.10 -4.81
N SER C 36 -13.03 36.28 -5.47
CA SER C 36 -13.27 35.64 -6.76
C SER C 36 -12.29 36.13 -7.82
N PRO C 37 -11.98 35.26 -8.77
CA PRO C 37 -10.99 35.64 -9.81
C PRO C 37 -11.53 36.62 -10.84
N GLU C 38 -10.78 37.71 -11.09
CA GLU C 38 -11.11 38.79 -12.03
C GLU C 38 -12.43 39.53 -11.74
N ASN C 39 -13.01 39.36 -10.54
CA ASN C 39 -14.26 40.02 -10.14
C ASN C 39 -14.12 40.67 -8.73
N PRO C 40 -15.05 41.56 -8.30
CA PRO C 40 -14.98 42.07 -6.91
C PRO C 40 -15.28 40.94 -5.93
N ALA C 41 -14.68 41.03 -4.75
CA ALA C 41 -14.84 40.04 -3.72
C ALA C 41 -16.31 39.91 -3.22
N LEU C 42 -16.73 38.68 -2.90
CA LEU C 42 -18.08 38.42 -2.43
C LEU C 42 -18.13 38.21 -0.93
N ALA C 43 -19.20 38.64 -0.30
CA ALA C 43 -19.42 38.39 1.12
C ALA C 43 -20.00 36.96 1.18
N VAL C 44 -19.39 36.11 2.00
CA VAL C 44 -19.78 34.71 2.10
C VAL C 44 -19.93 34.26 3.55
N ALA C 45 -20.58 33.11 3.73
CA ALA C 45 -20.72 32.41 4.98
C ALA C 45 -19.85 31.16 4.82
N ILE C 46 -19.05 30.85 5.83
CA ILE C 46 -18.13 29.71 5.83
C ILE C 46 -18.56 28.69 6.85
N LYS C 47 -18.98 27.52 6.41
CA LYS C 47 -19.31 26.42 7.32
C LYS C 47 -18.00 25.66 7.51
N THR C 48 -17.48 25.60 8.74
CA THR C 48 -16.26 24.85 9.00
C THR C 48 -16.58 23.46 9.59
N CYS C 49 -15.60 22.57 9.59
CA CYS C 49 -15.76 21.23 10.13
C CYS C 49 -14.55 20.89 11.00
N LYS C 50 -14.81 20.55 12.27
CA LYS C 50 -13.74 20.26 13.23
C LYS C 50 -13.14 18.87 13.09
N ASN C 51 -14.00 17.85 12.96
CA ASN C 51 -13.58 16.46 12.91
C ASN C 51 -13.64 15.85 11.51
N CYS C 52 -13.41 16.65 10.45
CA CYS C 52 -13.48 16.11 9.10
C CYS C 52 -12.21 15.32 8.69
N THR C 53 -11.33 14.99 9.66
CA THR C 53 -10.16 14.12 9.45
C THR C 53 -10.67 12.68 9.21
N SER C 54 -11.77 12.28 9.89
CA SER C 54 -12.44 11.01 9.71
C SER C 54 -13.18 11.08 8.37
N ASP C 55 -13.11 10.02 7.56
CA ASP C 55 -13.76 9.97 6.25
C ASP C 55 -15.28 9.98 6.35
N SER C 56 -15.84 9.40 7.43
CA SER C 56 -17.28 9.35 7.59
C SER C 56 -17.85 10.73 7.89
N VAL C 57 -17.21 11.48 8.80
CA VAL C 57 -17.63 12.83 9.18
C VAL C 57 -17.58 13.74 7.96
N ARG C 58 -16.47 13.67 7.21
CA ARG C 58 -16.17 14.42 6.00
C ARG C 58 -17.23 14.17 4.92
N GLU C 59 -17.62 12.92 4.72
CA GLU C 59 -18.62 12.54 3.74
C GLU C 59 -20.01 13.08 4.08
N LYS C 60 -20.35 13.07 5.38
CA LYS C 60 -21.61 13.58 5.89
C LYS C 60 -21.71 15.11 5.77
N PHE C 61 -20.60 15.80 6.08
CA PHE C 61 -20.52 17.25 5.99
C PHE C 61 -20.63 17.70 4.54
N LEU C 62 -19.88 17.09 3.62
CA LEU C 62 -19.92 17.43 2.20
C LEU C 62 -21.26 17.10 1.53
N GLN C 63 -22.04 16.19 2.12
CA GLN C 63 -23.36 15.85 1.61
C GLN C 63 -24.32 17.07 1.79
N GLU C 64 -24.08 17.91 2.81
CA GLU C 64 -24.87 19.11 3.05
C GLU C 64 -24.67 20.13 1.92
N ALA C 65 -23.45 20.20 1.35
CA ALA C 65 -23.15 21.07 0.22
C ALA C 65 -23.84 20.55 -1.05
N LEU C 66 -23.80 19.22 -1.27
CA LEU C 66 -24.47 18.58 -2.40
C LEU C 66 -25.99 18.80 -2.37
N THR C 67 -26.57 18.88 -1.16
CA THR C 67 -27.99 19.14 -0.98
C THR C 67 -28.29 20.54 -1.49
N MET C 68 -27.51 21.55 -1.07
CA MET C 68 -27.77 22.93 -1.50
C MET C 68 -27.45 23.18 -2.97
N ARG C 69 -26.51 22.40 -3.54
CA ARG C 69 -26.07 22.49 -4.94
C ARG C 69 -27.21 22.22 -5.92
N GLN C 70 -28.19 21.39 -5.52
CA GLN C 70 -29.32 21.04 -6.36
C GLN C 70 -30.42 22.09 -6.40
N PHE C 71 -30.30 23.20 -5.68
CA PHE C 71 -31.33 24.25 -5.68
C PHE C 71 -30.86 25.54 -6.32
N ASP C 72 -31.75 26.18 -7.08
CA ASP C 72 -31.45 27.45 -7.72
C ASP C 72 -32.67 28.34 -7.59
N HIS C 73 -32.78 29.08 -6.50
CA HIS C 73 -33.92 29.94 -6.26
C HIS C 73 -33.46 31.25 -5.62
N PRO C 74 -34.03 32.38 -6.01
CA PRO C 74 -33.61 33.66 -5.43
C PRO C 74 -33.90 33.82 -3.93
N HIS C 75 -34.74 32.96 -3.35
CA HIS C 75 -35.03 33.06 -1.92
C HIS C 75 -34.57 31.84 -1.12
N ILE C 76 -33.50 31.19 -1.59
CA ILE C 76 -32.78 30.09 -0.96
C ILE C 76 -31.29 30.39 -1.12
N VAL C 77 -30.52 30.35 -0.02
CA VAL C 77 -29.07 30.62 -0.07
C VAL C 77 -28.35 29.68 -1.05
N LYS C 78 -27.46 30.25 -1.89
CA LYS C 78 -26.70 29.51 -2.89
C LYS C 78 -25.41 28.94 -2.33
N LEU C 79 -25.02 27.80 -2.87
CA LEU C 79 -23.70 27.23 -2.58
C LEU C 79 -22.76 27.92 -3.55
N ILE C 80 -21.68 28.53 -3.03
CA ILE C 80 -20.64 29.18 -3.84
C ILE C 80 -19.59 28.13 -4.24
N GLY C 81 -19.19 27.30 -3.28
CA GLY C 81 -18.24 26.22 -3.50
C GLY C 81 -17.75 25.54 -2.25
N VAL C 82 -16.77 24.63 -2.36
CA VAL C 82 -16.24 23.90 -1.23
C VAL C 82 -14.71 23.84 -1.24
N ILE C 83 -14.10 23.66 -0.06
CA ILE C 83 -12.67 23.44 0.07
C ILE C 83 -12.57 22.02 0.65
N THR C 84 -12.08 21.07 -0.16
CA THR C 84 -12.01 19.65 0.22
C THR C 84 -10.70 19.22 0.90
N GLU C 85 -9.74 20.13 1.06
CA GLU C 85 -8.51 19.85 1.81
C GLU C 85 -8.82 20.08 3.30
N ASN C 86 -8.08 19.43 4.20
CA ASN C 86 -8.32 19.59 5.65
C ASN C 86 -7.81 20.95 6.15
N PRO C 87 -8.64 21.74 6.88
CA PRO C 87 -10.03 21.47 7.29
C PRO C 87 -11.05 21.75 6.18
N VAL C 88 -12.04 20.86 6.05
CA VAL C 88 -13.05 20.98 5.03
C VAL C 88 -14.01 22.15 5.33
N TRP C 89 -14.23 23.03 4.34
CA TRP C 89 -15.12 24.18 4.48
C TRP C 89 -16.18 24.20 3.37
N ILE C 90 -17.36 24.74 3.67
CA ILE C 90 -18.43 24.93 2.70
C ILE C 90 -18.67 26.42 2.59
N ILE C 91 -18.57 26.97 1.39
CA ILE C 91 -18.72 28.41 1.17
C ILE C 91 -20.10 28.70 0.60
N MET C 92 -20.92 29.41 1.37
CA MET C 92 -22.27 29.76 1.00
C MET C 92 -22.42 31.28 0.79
N GLU C 93 -23.45 31.75 0.04
CA GLU C 93 -23.66 33.22 -0.08
C GLU C 93 -24.05 33.80 1.30
N LEU C 94 -23.69 35.06 1.54
CA LEU C 94 -23.99 35.69 2.81
C LEU C 94 -25.26 36.49 2.70
N CYS C 95 -26.10 36.43 3.73
CA CYS C 95 -27.27 37.28 3.85
C CYS C 95 -26.76 38.25 4.89
N THR C 96 -26.42 39.43 4.43
CA THR C 96 -25.70 40.43 5.23
C THR C 96 -26.40 40.85 6.51
N LEU C 97 -27.71 41.00 6.47
CA LEU C 97 -28.43 41.50 7.63
C LEU C 97 -28.65 40.43 8.73
N GLY C 98 -28.35 39.17 8.46
CA GLY C 98 -28.43 38.13 9.48
C GLY C 98 -29.77 37.45 9.65
N GLU C 99 -30.00 36.84 10.83
CA GLU C 99 -31.20 36.08 11.19
C GLU C 99 -32.45 36.95 11.20
N LEU C 100 -33.55 36.41 10.62
CA LEU C 100 -34.84 37.10 10.54
C LEU C 100 -35.42 37.51 11.89
N ARG C 101 -35.34 36.63 12.90
CA ARG C 101 -35.92 36.95 14.21
C ARG C 101 -35.30 38.19 14.83
N SER C 102 -33.95 38.30 14.79
CA SER C 102 -33.24 39.47 15.33
C SER C 102 -33.57 40.74 14.56
N PHE C 103 -33.67 40.63 13.23
CA PHE C 103 -34.00 41.73 12.34
C PHE C 103 -35.40 42.25 12.71
N LEU C 104 -36.36 41.32 12.88
CA LEU C 104 -37.73 41.62 13.23
C LEU C 104 -37.83 42.29 14.60
N GLN C 105 -37.02 41.87 15.58
CA GLN C 105 -37.05 42.45 16.91
C GLN C 105 -36.46 43.84 16.99
N VAL C 106 -35.35 44.06 16.33
CA VAL C 106 -34.68 45.35 16.35
C VAL C 106 -35.43 46.36 15.50
N ARG C 107 -35.95 45.91 14.36
CA ARG C 107 -36.64 46.78 13.42
C ARG C 107 -38.15 46.70 13.54
N LYS C 108 -38.70 46.25 14.70
CA LYS C 108 -40.13 46.08 14.82
C LYS C 108 -40.93 47.35 14.64
N TYR C 109 -40.62 48.43 15.39
CA TYR C 109 -41.40 49.67 15.26
C TYR C 109 -41.15 50.43 13.96
N SER C 110 -40.54 49.81 12.96
CA SER C 110 -40.28 50.46 11.68
C SER C 110 -40.60 49.59 10.47
N LEU C 111 -41.08 48.35 10.67
CA LEU C 111 -41.46 47.48 9.58
C LEU C 111 -42.97 47.57 9.41
N ASP C 112 -43.46 48.07 8.27
CA ASP C 112 -44.89 48.11 8.02
C ASP C 112 -45.40 46.73 7.65
N LEU C 113 -46.73 46.55 7.73
CA LEU C 113 -47.42 45.31 7.42
C LEU C 113 -47.09 44.77 6.03
N ALA C 114 -47.02 45.65 5.02
CA ALA C 114 -46.68 45.24 3.67
C ALA C 114 -45.32 44.53 3.60
N SER C 115 -44.30 44.99 4.38
CA SER C 115 -42.96 44.36 4.45
C SER C 115 -43.04 42.95 5.01
N LEU C 116 -43.78 42.76 6.12
CA LEU C 116 -43.96 41.45 6.75
C LEU C 116 -44.64 40.44 5.83
N ILE C 117 -45.69 40.86 5.10
CA ILE C 117 -46.40 40.03 4.14
C ILE C 117 -45.48 39.71 2.93
N LEU C 118 -44.61 40.67 2.52
CA LEU C 118 -43.63 40.45 1.45
C LEU C 118 -42.68 39.31 1.86
N TYR C 119 -42.21 39.29 3.11
CA TYR C 119 -41.31 38.23 3.59
C TYR C 119 -42.00 36.87 3.53
N ALA C 120 -43.26 36.79 4.00
CA ALA C 120 -44.06 35.57 3.96
C ALA C 120 -44.25 35.12 2.52
N TYR C 121 -44.55 36.05 1.60
CA TYR C 121 -44.69 35.76 0.16
C TYR C 121 -43.39 35.22 -0.44
N GLN C 122 -42.23 35.85 -0.17
CA GLN C 122 -40.93 35.38 -0.70
C GLN C 122 -40.62 33.96 -0.26
N LEU C 123 -40.87 33.65 1.03
CA LEU C 123 -40.66 32.32 1.60
C LEU C 123 -41.59 31.31 0.95
N SER C 124 -42.85 31.72 0.62
CA SER C 124 -43.79 30.82 -0.04
C SER C 124 -43.37 30.47 -1.45
N THR C 125 -42.67 31.38 -2.15
CA THR C 125 -42.18 31.06 -3.49
C THR C 125 -41.03 30.04 -3.41
N ALA C 126 -40.16 30.18 -2.40
CA ALA C 126 -39.04 29.28 -2.18
C ALA C 126 -39.53 27.88 -1.75
N LEU C 127 -40.63 27.82 -0.96
CA LEU C 127 -41.23 26.58 -0.49
C LEU C 127 -42.08 25.91 -1.57
N ALA C 128 -42.72 26.70 -2.45
CA ALA C 128 -43.45 26.15 -3.58
C ALA C 128 -42.44 25.53 -4.58
N TYR C 129 -41.20 26.11 -4.69
CA TYR C 129 -40.12 25.61 -5.51
C TYR C 129 -39.62 24.26 -4.93
N LEU C 130 -39.40 24.19 -3.60
CA LEU C 130 -38.97 22.96 -2.94
C LEU C 130 -40.01 21.84 -3.14
N GLU C 131 -41.30 22.21 -3.07
CA GLU C 131 -42.45 21.32 -3.27
C GLU C 131 -42.45 20.77 -4.70
N SER C 132 -42.15 21.63 -5.69
CA SER C 132 -42.08 21.23 -7.10
C SER C 132 -40.98 20.17 -7.33
N LYS C 133 -39.89 20.23 -6.54
CA LYS C 133 -38.77 19.28 -6.60
C LYS C 133 -38.94 18.10 -5.63
N ARG C 134 -40.13 17.94 -5.02
CA ARG C 134 -40.48 16.88 -4.07
C ARG C 134 -39.52 16.81 -2.87
N PHE C 135 -39.09 17.98 -2.40
CA PHE C 135 -38.16 18.06 -1.28
C PHE C 135 -38.88 18.55 -0.02
N VAL C 136 -38.79 17.76 1.06
CA VAL C 136 -39.38 18.10 2.36
C VAL C 136 -38.32 18.77 3.27
N HIS C 137 -38.55 20.01 3.67
CA HIS C 137 -37.62 20.77 4.51
C HIS C 137 -37.50 20.20 5.93
N ARG C 138 -38.63 20.05 6.66
CA ARG C 138 -38.70 19.49 8.03
C ARG C 138 -38.42 20.48 9.15
N ASP C 139 -37.94 21.69 8.82
CA ASP C 139 -37.57 22.66 9.84
C ASP C 139 -37.85 24.12 9.46
N ILE C 140 -39.07 24.39 8.99
CA ILE C 140 -39.47 25.74 8.64
C ILE C 140 -39.81 26.49 9.91
N ALA C 141 -39.06 27.55 10.18
CA ALA C 141 -39.18 28.42 11.36
C ALA C 141 -38.43 29.71 11.06
N ALA C 142 -38.77 30.81 11.74
CA ALA C 142 -38.11 32.10 11.51
C ALA C 142 -36.63 32.07 11.89
N ARG C 143 -36.21 31.14 12.76
CA ARG C 143 -34.80 30.99 13.13
C ARG C 143 -33.95 30.54 11.91
N ASN C 144 -34.56 29.86 10.91
CA ASN C 144 -33.85 29.40 9.73
C ASN C 144 -34.11 30.26 8.51
N VAL C 145 -34.57 31.50 8.71
CA VAL C 145 -34.74 32.46 7.65
C VAL C 145 -33.72 33.58 7.88
N LEU C 146 -33.11 34.04 6.79
CA LEU C 146 -32.07 35.05 6.82
C LEU C 146 -32.47 36.27 6.01
N VAL C 147 -31.79 37.40 6.28
CA VAL C 147 -32.09 38.69 5.66
C VAL C 147 -30.94 39.17 4.75
N SER C 148 -31.19 39.15 3.44
CA SER C 148 -30.22 39.65 2.46
C SER C 148 -30.21 41.18 2.47
N SER C 149 -31.41 41.78 2.55
CA SER C 149 -31.66 43.22 2.55
C SER C 149 -33.05 43.48 3.17
N ASN C 150 -33.44 44.76 3.36
CA ASN C 150 -34.74 45.13 3.91
C ASN C 150 -35.89 44.55 3.10
N ASP C 151 -35.71 44.30 1.79
CA ASP C 151 -36.80 43.76 0.98
C ASP C 151 -36.47 42.41 0.40
N CYS C 152 -35.71 41.60 1.14
CA CYS C 152 -35.33 40.28 0.66
C CYS C 152 -34.94 39.32 1.77
N VAL C 153 -35.73 38.25 1.95
CA VAL C 153 -35.42 37.19 2.89
C VAL C 153 -35.16 35.89 2.12
N LYS C 154 -34.37 34.99 2.73
CA LYS C 154 -34.06 33.70 2.13
C LYS C 154 -34.10 32.58 3.15
N LEU C 155 -34.39 31.35 2.70
CA LEU C 155 -34.30 30.15 3.52
C LEU C 155 -32.82 29.93 3.71
N GLY C 156 -32.39 29.75 4.94
CA GLY C 156 -30.97 29.52 5.24
C GLY C 156 -30.50 28.13 4.86
N ASP C 157 -29.24 27.80 5.18
CA ASP C 157 -28.67 26.51 4.87
C ASP C 157 -29.48 25.35 5.49
N PHE C 158 -29.73 24.28 4.73
CA PHE C 158 -30.55 23.18 5.20
C PHE C 158 -29.84 22.30 6.24
N GLY C 159 -28.54 22.11 6.08
CA GLY C 159 -27.73 21.37 7.05
C GLY C 159 -27.68 22.07 8.40
N LEU C 160 -27.59 23.41 8.40
CA LEU C 160 -27.57 24.19 9.65
C LEU C 160 -28.97 24.29 10.34
N SER C 161 -30.02 23.72 9.72
CA SER C 161 -31.37 23.70 10.29
C SER C 161 -31.64 22.48 11.19
N LEU C 177 -35.50 19.04 19.27
CA LEU C 177 -36.79 18.85 18.61
C LEU C 177 -37.67 20.08 18.65
N PRO C 178 -37.98 20.66 17.49
CA PRO C 178 -38.77 21.90 17.48
C PRO C 178 -40.28 21.64 17.56
N ILE C 179 -40.72 21.10 18.68
CA ILE C 179 -42.11 20.72 18.93
C ILE C 179 -43.11 21.87 18.70
N LYS C 180 -42.78 23.11 19.13
CA LYS C 180 -43.69 24.25 18.98
C LYS C 180 -43.95 24.70 17.54
N TRP C 181 -43.23 24.13 16.58
CA TRP C 181 -43.37 24.43 15.15
C TRP C 181 -43.97 23.23 14.36
N MET C 182 -43.90 22.03 14.94
CA MET C 182 -44.26 20.79 14.29
C MET C 182 -45.72 20.45 14.19
N ALA C 183 -46.06 19.80 13.07
CA ALA C 183 -47.40 19.30 12.77
C ALA C 183 -47.68 18.14 13.71
N PRO C 184 -48.95 17.89 14.03
CA PRO C 184 -49.28 16.79 14.94
C PRO C 184 -48.75 15.44 14.49
N GLU C 185 -48.80 15.11 13.19
CA GLU C 185 -48.29 13.83 12.69
C GLU C 185 -46.75 13.72 12.78
N SER C 186 -46.04 14.85 12.81
CA SER C 186 -44.60 14.84 12.98
C SER C 186 -44.26 14.59 14.45
N ILE C 187 -45.01 15.19 15.37
CA ILE C 187 -44.78 15.00 16.80
C ILE C 187 -45.17 13.57 17.19
N ASN C 188 -46.33 13.11 16.73
CA ASN C 188 -46.82 11.79 17.09
C ASN C 188 -46.16 10.63 16.36
N PHE C 189 -45.94 10.74 15.05
CA PHE C 189 -45.40 9.61 14.29
C PHE C 189 -44.12 9.86 13.53
N ARG C 190 -43.48 11.03 13.73
CA ARG C 190 -42.28 11.40 12.98
C ARG C 190 -42.51 11.44 11.46
N ARG C 191 -43.75 11.74 11.06
CA ARG C 191 -44.18 11.81 9.67
C ARG C 191 -43.90 13.20 9.13
N PHE C 192 -43.01 13.29 8.14
CA PHE C 192 -42.68 14.56 7.55
C PHE C 192 -43.00 14.52 6.08
N THR C 193 -43.91 15.39 5.65
CA THR C 193 -44.34 15.53 4.27
C THR C 193 -44.38 17.05 3.92
N SER C 194 -44.71 17.40 2.65
CA SER C 194 -44.90 18.79 2.26
C SER C 194 -46.08 19.41 3.03
N ALA C 195 -47.08 18.60 3.46
CA ALA C 195 -48.22 19.09 4.24
C ALA C 195 -47.78 19.48 5.65
N SER C 196 -46.83 18.74 6.25
CA SER C 196 -46.31 19.10 7.57
C SER C 196 -45.41 20.37 7.46
N ASP C 197 -44.76 20.58 6.29
CA ASP C 197 -44.00 21.80 6.00
C ASP C 197 -44.95 23.02 5.97
N VAL C 198 -46.18 22.84 5.42
CA VAL C 198 -47.21 23.88 5.36
C VAL C 198 -47.64 24.30 6.77
N TRP C 199 -47.79 23.33 7.71
CA TRP C 199 -48.10 23.63 9.11
C TRP C 199 -46.99 24.53 9.71
N MET C 200 -45.71 24.14 9.52
CA MET C 200 -44.53 24.86 9.99
C MET C 200 -44.48 26.25 9.39
N PHE C 201 -44.80 26.37 8.09
CA PHE C 201 -44.82 27.65 7.40
C PHE C 201 -45.89 28.58 7.97
N GLY C 202 -47.03 28.03 8.43
CA GLY C 202 -48.06 28.81 9.08
C GLY C 202 -47.54 29.42 10.35
N VAL C 203 -46.77 28.63 11.14
CA VAL C 203 -46.12 29.06 12.39
C VAL C 203 -45.07 30.13 12.08
N CYS C 204 -44.30 29.94 10.99
CA CYS C 204 -43.30 30.89 10.56
C CYS C 204 -43.96 32.23 10.19
N MET C 205 -45.07 32.20 9.45
CA MET C 205 -45.86 33.40 9.10
C MET C 205 -46.36 34.12 10.37
N TRP C 206 -46.78 33.35 11.39
CA TRP C 206 -47.20 33.88 12.68
C TRP C 206 -46.03 34.62 13.34
N GLU C 207 -44.82 33.99 13.39
CA GLU C 207 -43.60 34.60 13.94
C GLU C 207 -43.25 35.93 13.25
N ILE C 208 -43.38 35.97 11.91
CA ILE C 208 -43.11 37.19 11.16
C ILE C 208 -44.07 38.30 11.59
N LEU C 209 -45.38 37.99 11.64
CA LEU C 209 -46.39 38.96 12.04
C LEU C 209 -46.28 39.38 13.51
N MET C 210 -45.69 38.53 14.34
CA MET C 210 -45.43 38.80 15.75
C MET C 210 -44.09 39.43 16.00
N HIS C 211 -43.37 39.88 14.94
CA HIS C 211 -42.05 40.51 14.98
C HIS C 211 -41.00 39.68 15.74
N GLY C 212 -40.94 38.39 15.43
CA GLY C 212 -39.94 37.53 16.02
C GLY C 212 -40.24 36.96 17.39
N VAL C 213 -41.51 37.04 17.84
CA VAL C 213 -41.91 36.44 19.13
C VAL C 213 -42.02 34.92 18.90
N LYS C 214 -41.51 34.11 19.84
CA LYS C 214 -41.55 32.64 19.66
C LYS C 214 -42.97 32.11 19.93
N PRO C 215 -43.41 31.08 19.18
CA PRO C 215 -44.72 30.47 19.49
C PRO C 215 -44.72 29.74 20.83
N PHE C 216 -45.87 29.68 21.51
CA PHE C 216 -46.04 28.99 22.79
C PHE C 216 -44.97 29.36 23.84
N GLN C 217 -44.72 30.66 23.97
CA GLN C 217 -43.75 31.18 24.91
C GLN C 217 -44.18 30.88 26.34
N GLY C 218 -43.27 30.30 27.12
CA GLY C 218 -43.56 29.94 28.51
C GLY C 218 -44.33 28.65 28.68
N VAL C 219 -44.44 27.84 27.61
CA VAL C 219 -45.17 26.58 27.61
C VAL C 219 -44.15 25.46 27.41
N LYS C 220 -44.14 24.44 28.27
CA LYS C 220 -43.22 23.31 28.15
C LYS C 220 -43.62 22.48 26.93
N ASN C 221 -42.63 21.96 26.19
CA ASN C 221 -42.87 21.18 24.96
C ASN C 221 -43.83 20.03 25.17
N ASN C 222 -43.76 19.43 26.34
CA ASN C 222 -44.60 18.32 26.76
C ASN C 222 -46.09 18.71 26.80
N ASP C 223 -46.39 19.99 27.13
CA ASP C 223 -47.74 20.52 27.21
C ASP C 223 -48.33 20.94 25.86
N VAL C 224 -47.49 21.18 24.87
CA VAL C 224 -47.91 21.68 23.56
C VAL C 224 -48.79 20.65 22.75
N ILE C 225 -48.41 19.36 22.64
CA ILE C 225 -49.25 18.38 21.91
C ILE C 225 -50.66 18.24 22.52
N GLY C 226 -50.79 18.28 23.84
CA GLY C 226 -52.10 18.22 24.48
C GLY C 226 -52.99 19.40 24.10
N ARG C 227 -52.38 20.60 24.01
CA ARG C 227 -53.07 21.82 23.63
C ARG C 227 -53.52 21.75 22.17
N ILE C 228 -52.63 21.31 21.28
CA ILE C 228 -52.89 21.17 19.85
C ILE C 228 -53.99 20.17 19.58
N GLU C 229 -53.96 19.01 20.26
CA GLU C 229 -55.01 18.00 20.11
C GLU C 229 -56.35 18.48 20.64
N ASN C 230 -56.34 19.37 21.65
CA ASN C 230 -57.55 19.99 22.17
C ASN C 230 -58.05 21.20 21.30
N GLY C 231 -57.43 21.41 20.14
CA GLY C 231 -57.81 22.43 19.17
C GLY C 231 -57.17 23.79 19.32
N GLU C 232 -56.24 23.93 20.30
CA GLU C 232 -55.57 25.20 20.55
C GLU C 232 -54.64 25.57 19.41
N ARG C 233 -54.75 26.82 18.95
CA ARG C 233 -53.94 27.39 17.89
C ARG C 233 -53.37 28.72 18.36
N LEU C 234 -52.30 29.16 17.71
CA LEU C 234 -51.65 30.41 18.02
C LEU C 234 -52.61 31.56 17.73
N PRO C 235 -52.62 32.59 18.60
CA PRO C 235 -53.64 33.65 18.45
C PRO C 235 -53.43 34.55 17.25
N MET C 236 -54.47 35.27 16.85
CA MET C 236 -54.36 36.22 15.74
C MET C 236 -53.44 37.34 16.16
N PRO C 237 -52.34 37.55 15.42
CA PRO C 237 -51.41 38.62 15.79
C PRO C 237 -52.08 39.99 15.66
N PRO C 238 -51.69 40.94 16.52
CA PRO C 238 -52.27 42.29 16.41
C PRO C 238 -51.96 42.90 15.04
N ASN C 239 -52.98 43.55 14.43
CA ASN C 239 -52.83 44.18 13.11
C ASN C 239 -52.67 43.18 11.95
N CYS C 240 -52.95 41.89 12.17
CA CYS C 240 -52.86 40.90 11.09
C CYS C 240 -54.17 40.97 10.31
N PRO C 241 -54.14 41.05 8.97
CA PRO C 241 -55.42 41.06 8.21
C PRO C 241 -56.19 39.76 8.44
N PRO C 242 -57.52 39.82 8.65
CA PRO C 242 -58.27 38.57 8.92
C PRO C 242 -58.14 37.51 7.83
N THR C 243 -58.00 37.94 6.56
CA THR C 243 -57.81 37.02 5.43
C THR C 243 -56.51 36.22 5.60
N LEU C 244 -55.45 36.89 6.14
CA LEU C 244 -54.16 36.28 6.39
C LEU C 244 -54.22 35.34 7.58
N TYR C 245 -54.90 35.73 8.67
CA TYR C 245 -55.06 34.82 9.82
C TYR C 245 -55.85 33.58 9.44
N SER C 246 -56.85 33.73 8.55
CA SER C 246 -57.66 32.63 8.03
C SER C 246 -56.77 31.66 7.21
N LEU C 247 -55.80 32.20 6.46
CA LEU C 247 -54.86 31.41 5.67
C LEU C 247 -53.96 30.60 6.60
N MET C 248 -53.51 31.20 7.71
CA MET C 248 -52.70 30.51 8.72
C MET C 248 -53.49 29.38 9.39
N THR C 249 -54.78 29.62 9.72
CA THR C 249 -55.60 28.57 10.34
C THR C 249 -55.83 27.38 9.38
N LYS C 250 -55.81 27.61 8.05
CA LYS C 250 -55.89 26.54 7.05
C LYS C 250 -54.59 25.70 7.05
N CYS C 251 -53.42 26.35 7.30
CA CYS C 251 -52.15 25.66 7.44
C CYS C 251 -52.19 24.75 8.69
N TRP C 252 -52.95 25.14 9.74
CA TRP C 252 -53.01 24.39 10.98
C TRP C 252 -54.19 23.44 11.08
N ALA C 253 -54.69 22.94 9.94
CA ALA C 253 -55.76 21.94 9.96
C ALA C 253 -55.14 20.66 10.51
N TYR C 254 -55.76 20.01 11.51
CA TYR C 254 -55.23 18.80 12.12
C TYR C 254 -54.92 17.71 11.08
N ASP C 255 -55.86 17.53 10.14
CA ASP C 255 -55.72 16.56 9.06
C ASP C 255 -54.84 17.16 7.97
N PRO C 256 -53.68 16.55 7.69
CA PRO C 256 -52.79 17.11 6.66
C PRO C 256 -53.38 17.25 5.26
N SER C 257 -54.37 16.40 4.92
CA SER C 257 -55.00 16.49 3.60
C SER C 257 -55.92 17.70 3.43
N ARG C 258 -56.32 18.35 4.54
CA ARG C 258 -57.15 19.54 4.48
C ARG C 258 -56.33 20.87 4.46
N ARG C 259 -55.01 20.77 4.54
CA ARG C 259 -54.13 21.93 4.49
C ARG C 259 -53.86 22.30 3.02
N PRO C 260 -53.74 23.60 2.70
CA PRO C 260 -53.42 23.99 1.30
C PRO C 260 -51.98 23.66 0.89
N ARG C 261 -51.73 23.63 -0.44
CA ARG C 261 -50.41 23.43 -1.01
C ARG C 261 -49.64 24.77 -0.98
N PHE C 262 -48.30 24.73 -1.18
CA PHE C 262 -47.50 25.95 -1.24
C PHE C 262 -47.87 26.82 -2.43
N THR C 263 -48.24 26.22 -3.58
CA THR C 263 -48.66 26.99 -4.75
C THR C 263 -49.93 27.80 -4.45
N GLU C 264 -50.84 27.26 -3.62
CA GLU C 264 -52.07 27.94 -3.19
C GLU C 264 -51.71 29.07 -2.22
N LEU C 265 -50.82 28.79 -1.26
CA LEU C 265 -50.34 29.78 -0.29
C LEU C 265 -49.68 30.95 -1.02
N LYS C 266 -48.91 30.67 -2.08
CA LYS C 266 -48.21 31.66 -2.90
C LYS C 266 -49.20 32.57 -3.63
N ALA C 267 -50.23 31.97 -4.25
CA ALA C 267 -51.25 32.71 -4.98
C ALA C 267 -52.09 33.59 -4.04
N GLN C 268 -52.43 33.07 -2.87
CA GLN C 268 -53.25 33.81 -1.90
C GLN C 268 -52.43 34.88 -1.20
N LEU C 269 -51.15 34.61 -0.93
CA LEU C 269 -50.26 35.59 -0.29
C LEU C 269 -49.99 36.77 -1.22
N SER C 270 -49.94 36.54 -2.54
CA SER C 270 -49.74 37.58 -3.53
C SER C 270 -50.93 38.56 -3.56
N THR C 271 -52.15 38.02 -3.40
CA THR C 271 -53.40 38.77 -3.38
C THR C 271 -53.50 39.63 -2.10
N ILE C 272 -53.16 39.06 -0.94
CA ILE C 272 -53.17 39.73 0.36
C ILE C 272 -52.13 40.85 0.40
N LEU C 273 -50.97 40.63 -0.25
CA LEU C 273 -49.90 41.63 -0.36
C LEU C 273 -50.36 42.75 -1.30
N GLU C 274 -51.06 42.41 -2.40
CA GLU C 274 -51.59 43.41 -3.31
C GLU C 274 -52.62 44.29 -2.59
N GLU C 275 -53.51 43.67 -1.81
CA GLU C 275 -54.55 44.40 -1.05
C GLU C 275 -53.92 45.33 -0.03
N GLU C 276 -52.86 44.88 0.66
CA GLU C 276 -52.21 45.72 1.67
C GLU C 276 -51.51 46.89 1.01
N LYS C 277 -50.84 46.66 -0.13
CA LYS C 277 -50.16 47.73 -0.85
C LYS C 277 -51.15 48.82 -1.31
N ALA C 278 -52.38 48.43 -1.66
CA ALA C 278 -53.41 49.38 -2.08
C ALA C 278 -53.83 50.35 -0.96
N GLN C 279 -54.20 49.83 0.23
CA GLN C 279 -54.58 50.69 1.36
C GLN C 279 -53.51 50.63 2.47
N THR D 5 28.84 -18.13 -16.82
CA THR D 5 28.09 -18.87 -17.83
C THR D 5 28.92 -19.98 -18.52
N ARG D 6 30.16 -20.23 -18.09
CA ARG D 6 31.02 -21.26 -18.67
C ARG D 6 30.35 -22.65 -18.61
N ASP D 7 29.53 -22.88 -17.55
CA ASP D 7 28.79 -24.13 -17.36
C ASP D 7 27.67 -24.26 -18.40
N TYR D 8 27.08 -23.14 -18.82
CA TYR D 8 26.02 -23.06 -19.81
C TYR D 8 26.52 -22.82 -21.24
N GLU D 9 27.84 -22.77 -21.47
CA GLU D 9 28.38 -22.52 -22.79
C GLU D 9 28.10 -23.62 -23.78
N ILE D 10 27.57 -23.27 -24.95
CA ILE D 10 27.32 -24.22 -26.02
C ILE D 10 28.18 -23.84 -27.24
N GLN D 11 28.72 -24.83 -27.97
CA GLN D 11 29.49 -24.56 -29.18
C GLN D 11 28.50 -24.35 -30.31
N ARG D 12 28.74 -23.32 -31.15
CA ARG D 12 27.82 -22.99 -32.23
C ARG D 12 27.62 -24.10 -33.21
N GLU D 13 28.67 -24.89 -33.50
CA GLU D 13 28.53 -25.99 -34.43
C GLU D 13 27.57 -27.06 -33.97
N ARG D 14 27.20 -27.08 -32.68
CA ARG D 14 26.19 -28.01 -32.16
C ARG D 14 24.76 -27.47 -32.25
N ILE D 15 24.55 -26.33 -32.92
CA ILE D 15 23.23 -25.76 -33.06
C ILE D 15 22.93 -25.65 -34.56
N GLU D 16 21.78 -26.19 -35.03
CA GLU D 16 21.37 -26.02 -36.41
C GLU D 16 20.22 -25.01 -36.41
N LEU D 17 20.46 -23.83 -36.96
CA LEU D 17 19.49 -22.74 -37.05
C LEU D 17 18.42 -23.04 -38.11
N GLY D 18 17.15 -22.93 -37.69
CA GLY D 18 15.98 -23.16 -38.52
C GLY D 18 15.16 -21.90 -38.77
N ARG D 19 13.88 -22.07 -39.05
CA ARG D 19 13.01 -20.94 -39.37
C ARG D 19 12.83 -19.90 -38.28
N CYS D 20 12.59 -18.67 -38.72
CA CYS D 20 12.35 -17.53 -37.83
C CYS D 20 10.93 -17.71 -37.22
N ILE D 21 10.82 -17.65 -35.90
CA ILE D 21 9.53 -17.80 -35.20
C ILE D 21 9.09 -16.52 -34.44
N GLY D 22 9.77 -15.41 -34.67
CA GLY D 22 9.42 -14.16 -34.01
C GLY D 22 10.53 -13.16 -33.97
N GLU D 23 10.23 -11.95 -33.52
CA GLU D 23 11.19 -10.90 -33.42
C GLU D 23 11.25 -10.42 -31.98
N GLY D 24 12.45 -10.27 -31.47
CA GLY D 24 12.68 -9.76 -30.13
C GLY D 24 13.28 -8.37 -30.18
N GLN D 25 13.56 -7.81 -29.03
CA GLN D 25 14.13 -6.46 -28.92
C GLN D 25 15.58 -6.46 -29.43
N PHE D 26 16.34 -7.55 -29.23
CA PHE D 26 17.75 -7.64 -29.65
C PHE D 26 18.00 -8.23 -31.02
N GLY D 27 17.03 -9.00 -31.50
CA GLY D 27 17.14 -9.64 -32.80
C GLY D 27 16.08 -10.69 -33.01
N ASP D 28 16.18 -11.40 -34.12
CA ASP D 28 15.22 -12.44 -34.47
C ASP D 28 15.32 -13.65 -33.53
N VAL D 29 14.22 -14.36 -33.39
CA VAL D 29 14.14 -15.58 -32.60
C VAL D 29 13.86 -16.69 -33.59
N HIS D 30 14.66 -17.77 -33.54
CA HIS D 30 14.52 -18.86 -34.48
C HIS D 30 14.19 -20.16 -33.79
N GLN D 31 13.65 -21.08 -34.54
CA GLN D 31 13.46 -22.45 -34.13
C GLN D 31 14.77 -23.17 -34.56
N GLY D 32 15.16 -24.21 -33.86
CA GLY D 32 16.37 -24.93 -34.20
C GLY D 32 16.57 -26.23 -33.47
N ILE D 33 17.76 -26.82 -33.67
CA ILE D 33 18.08 -28.09 -33.06
C ILE D 33 19.42 -28.00 -32.34
N TYR D 34 19.48 -28.53 -31.12
CA TYR D 34 20.68 -28.59 -30.35
C TYR D 34 21.15 -30.05 -30.37
N MET D 35 22.29 -30.32 -31.03
CA MET D 35 22.85 -31.66 -31.11
C MET D 35 23.60 -31.93 -29.83
N SER D 36 22.86 -32.36 -28.81
CA SER D 36 23.38 -32.66 -27.47
C SER D 36 24.38 -33.82 -27.53
N PRO D 37 25.48 -33.76 -26.75
CA PRO D 37 26.46 -34.86 -26.80
C PRO D 37 25.94 -36.13 -26.12
N GLU D 38 26.09 -37.29 -26.81
CA GLU D 38 25.67 -38.64 -26.38
C GLU D 38 24.15 -38.78 -26.07
N ASN D 39 23.33 -37.83 -26.54
CA ASN D 39 21.88 -37.86 -26.32
C ASN D 39 21.13 -37.58 -27.66
N PRO D 40 19.79 -37.80 -27.75
CA PRO D 40 19.09 -37.38 -28.98
C PRO D 40 19.04 -35.84 -29.05
N ALA D 41 19.04 -35.30 -30.27
CA ALA D 41 18.99 -33.86 -30.48
C ALA D 41 17.68 -33.21 -29.92
N LEU D 42 17.80 -32.00 -29.36
CA LEU D 42 16.66 -31.30 -28.77
C LEU D 42 16.14 -30.20 -29.66
N ALA D 43 14.84 -29.96 -29.65
CA ALA D 43 14.24 -28.85 -30.37
C ALA D 43 14.40 -27.65 -29.44
N VAL D 44 14.98 -26.56 -29.97
CA VAL D 44 15.29 -25.38 -29.18
C VAL D 44 14.80 -24.11 -29.87
N ALA D 45 14.70 -23.03 -29.11
CA ALA D 45 14.37 -21.71 -29.57
C ALA D 45 15.69 -20.94 -29.41
N ILE D 46 16.08 -20.17 -30.43
CA ILE D 46 17.34 -19.42 -30.46
C ILE D 46 17.04 -17.92 -30.45
N LYS D 47 17.42 -17.23 -29.38
CA LYS D 47 17.29 -15.78 -29.32
C LYS D 47 18.62 -15.26 -29.89
N THR D 48 18.57 -14.56 -31.01
CA THR D 48 19.80 -14.00 -31.60
C THR D 48 19.93 -12.51 -31.21
N CYS D 49 21.12 -11.97 -31.39
CA CYS D 49 21.37 -10.59 -31.08
C CYS D 49 22.13 -9.97 -32.25
N LYS D 50 21.58 -8.89 -32.84
CA LYS D 50 22.19 -8.23 -33.99
C LYS D 50 23.36 -7.33 -33.62
N ASN D 51 23.18 -6.50 -32.58
CA ASN D 51 24.17 -5.51 -32.18
C ASN D 51 24.94 -5.89 -30.93
N CYS D 52 25.19 -7.20 -30.70
CA CYS D 52 25.93 -7.60 -29.49
C CYS D 52 27.45 -7.39 -29.60
N THR D 53 27.92 -6.67 -30.65
CA THR D 53 29.31 -6.25 -30.81
C THR D 53 29.62 -5.17 -29.73
N SER D 54 28.61 -4.32 -29.38
CA SER D 54 28.69 -3.35 -28.30
C SER D 54 28.61 -4.13 -26.98
N ASP D 55 29.47 -3.77 -26.02
CA ASP D 55 29.52 -4.44 -24.72
C ASP D 55 28.27 -4.21 -23.89
N SER D 56 27.63 -3.04 -24.04
CA SER D 56 26.43 -2.73 -23.27
C SER D 56 25.24 -3.57 -23.74
N VAL D 57 25.07 -3.70 -25.07
CA VAL D 57 23.99 -4.50 -25.66
C VAL D 57 24.13 -5.96 -25.25
N ARG D 58 25.36 -6.49 -25.38
CA ARG D 58 25.72 -7.87 -25.00
C ARG D 58 25.42 -8.16 -23.52
N GLU D 59 25.81 -7.23 -22.64
CA GLU D 59 25.59 -7.40 -21.20
C GLU D 59 24.09 -7.44 -20.86
N LYS D 60 23.30 -6.57 -21.52
CA LYS D 60 21.84 -6.49 -21.32
C LYS D 60 21.16 -7.76 -21.83
N PHE D 61 21.62 -8.25 -23.00
CA PHE D 61 21.09 -9.44 -23.65
C PHE D 61 21.37 -10.69 -22.79
N LEU D 62 22.61 -10.86 -22.35
CA LEU D 62 22.99 -12.01 -21.51
C LEU D 62 22.31 -12.01 -20.12
N GLN D 63 21.89 -10.83 -19.66
CA GLN D 63 21.19 -10.71 -18.39
C GLN D 63 19.80 -11.37 -18.47
N GLU D 64 19.19 -11.41 -19.67
CA GLU D 64 17.90 -12.08 -19.90
C GLU D 64 18.03 -13.59 -19.70
N ALA D 65 19.17 -14.17 -20.06
CA ALA D 65 19.45 -15.59 -19.86
C ALA D 65 19.60 -15.88 -18.34
N LEU D 66 20.33 -15.01 -17.62
CA LEU D 66 20.50 -15.12 -16.18
C LEU D 66 19.17 -15.04 -15.42
N THR D 67 18.22 -14.25 -15.93
CA THR D 67 16.90 -14.11 -15.36
C THR D 67 16.19 -15.46 -15.45
N MET D 68 16.20 -16.10 -16.63
CA MET D 68 15.51 -17.39 -16.80
C MET D 68 16.18 -18.54 -16.07
N ARG D 69 17.50 -18.45 -15.90
CA ARG D 69 18.31 -19.45 -15.21
C ARG D 69 17.89 -19.63 -13.73
N GLN D 70 17.36 -18.58 -13.11
CA GLN D 70 16.93 -18.64 -11.71
C GLN D 70 15.57 -19.30 -11.48
N PHE D 71 14.88 -19.74 -12.55
CA PHE D 71 13.59 -20.41 -12.41
C PHE D 71 13.65 -21.87 -12.87
N ASP D 72 13.01 -22.77 -12.12
CA ASP D 72 12.99 -24.19 -12.45
C ASP D 72 11.60 -24.71 -12.23
N HIS D 73 10.76 -24.60 -13.24
CA HIS D 73 9.37 -25.03 -13.15
C HIS D 73 8.93 -25.68 -14.45
N PRO D 74 8.16 -26.78 -14.39
CA PRO D 74 7.72 -27.45 -15.63
C PRO D 74 6.82 -26.61 -16.53
N HIS D 75 6.26 -25.49 -16.04
CA HIS D 75 5.39 -24.64 -16.87
C HIS D 75 5.98 -23.24 -17.12
N ILE D 76 7.32 -23.14 -17.11
CA ILE D 76 8.10 -21.95 -17.43
C ILE D 76 9.25 -22.44 -18.35
N VAL D 77 9.44 -21.80 -19.51
CA VAL D 77 10.50 -22.20 -20.45
C VAL D 77 11.90 -22.20 -19.81
N LYS D 78 12.66 -23.28 -20.02
CA LYS D 78 14.02 -23.46 -19.47
C LYS D 78 15.08 -22.86 -20.39
N LEU D 79 16.14 -22.35 -19.74
CA LEU D 79 17.34 -21.93 -20.42
C LEU D 79 18.16 -23.21 -20.63
N ILE D 80 18.54 -23.50 -21.89
CA ILE D 80 19.40 -24.64 -22.22
C ILE D 80 20.87 -24.23 -22.09
N GLY D 81 21.19 -23.05 -22.62
CA GLY D 81 22.54 -22.52 -22.56
C GLY D 81 22.74 -21.28 -23.41
N VAL D 82 24.01 -20.81 -23.52
CA VAL D 82 24.33 -19.61 -24.28
C VAL D 82 25.57 -19.80 -25.15
N ILE D 83 25.66 -19.02 -26.24
CA ILE D 83 26.85 -18.96 -27.09
C ILE D 83 27.36 -17.54 -26.92
N THR D 84 28.51 -17.38 -26.26
CA THR D 84 29.07 -16.05 -25.94
C THR D 84 30.03 -15.47 -26.98
N GLU D 85 30.28 -16.19 -28.06
CA GLU D 85 31.10 -15.67 -29.17
C GLU D 85 30.16 -14.87 -30.09
N ASN D 86 30.69 -13.91 -30.86
CA ASN D 86 29.86 -13.11 -31.77
C ASN D 86 29.40 -13.96 -33.00
N PRO D 87 28.09 -14.01 -33.34
CA PRO D 87 26.96 -13.33 -32.67
C PRO D 87 26.46 -14.07 -31.43
N VAL D 88 26.16 -13.33 -30.38
CA VAL D 88 25.70 -13.92 -29.12
C VAL D 88 24.29 -14.51 -29.28
N TRP D 89 24.10 -15.78 -28.85
CA TRP D 89 22.81 -16.46 -28.90
C TRP D 89 22.40 -16.99 -27.55
N ILE D 90 21.09 -17.01 -27.28
CA ILE D 90 20.54 -17.59 -26.06
C ILE D 90 19.70 -18.79 -26.50
N ILE D 91 20.04 -19.98 -26.01
CA ILE D 91 19.36 -21.22 -26.37
C ILE D 91 18.32 -21.56 -25.31
N MET D 92 17.05 -21.51 -25.70
CA MET D 92 15.94 -21.81 -24.81
C MET D 92 15.26 -23.09 -25.26
N GLU D 93 14.49 -23.70 -24.36
CA GLU D 93 13.71 -24.86 -24.69
C GLU D 93 12.61 -24.42 -25.71
N LEU D 94 12.37 -25.20 -26.76
CA LEU D 94 11.30 -24.88 -27.70
C LEU D 94 9.95 -25.44 -27.22
N CYS D 95 8.90 -24.63 -27.31
CA CYS D 95 7.53 -25.07 -27.10
C CYS D 95 7.03 -25.25 -28.53
N THR D 96 7.07 -26.50 -29.00
CA THR D 96 6.82 -26.89 -30.40
C THR D 96 5.58 -26.29 -31.04
N LEU D 97 4.46 -26.24 -30.31
CA LEU D 97 3.20 -25.80 -30.89
C LEU D 97 2.97 -24.27 -30.91
N GLY D 98 3.96 -23.45 -30.57
CA GLY D 98 3.85 -22.01 -30.74
C GLY D 98 3.15 -21.21 -29.67
N GLU D 99 2.68 -20.02 -30.04
CA GLU D 99 1.98 -19.08 -29.19
C GLU D 99 0.57 -19.57 -28.84
N LEU D 100 0.15 -19.40 -27.58
CA LEU D 100 -1.18 -19.86 -27.13
C LEU D 100 -2.35 -19.25 -27.88
N ARG D 101 -2.32 -17.94 -28.16
CA ARG D 101 -3.40 -17.28 -28.89
C ARG D 101 -3.61 -17.88 -30.28
N SER D 102 -2.54 -18.18 -31.01
CA SER D 102 -2.66 -18.75 -32.35
C SER D 102 -3.11 -20.20 -32.32
N PHE D 103 -2.61 -20.99 -31.35
CA PHE D 103 -2.99 -22.39 -31.14
C PHE D 103 -4.50 -22.48 -30.87
N LEU D 104 -5.02 -21.64 -29.96
CA LEU D 104 -6.42 -21.63 -29.63
C LEU D 104 -7.27 -21.22 -30.85
N GLN D 105 -6.81 -20.26 -31.64
CA GLN D 105 -7.57 -19.80 -32.81
C GLN D 105 -7.68 -20.85 -33.92
N VAL D 106 -6.56 -21.56 -34.20
CA VAL D 106 -6.47 -22.64 -35.18
C VAL D 106 -7.34 -23.83 -34.77
N ARG D 107 -7.38 -24.11 -33.47
CA ARG D 107 -8.15 -25.24 -32.93
C ARG D 107 -9.42 -24.83 -32.23
N LYS D 108 -9.95 -23.60 -32.48
CA LYS D 108 -11.13 -23.15 -31.73
C LYS D 108 -12.33 -24.06 -31.89
N TYR D 109 -12.90 -24.43 -30.75
CA TYR D 109 -14.10 -25.29 -30.60
C TYR D 109 -13.81 -26.79 -30.82
N SER D 110 -12.65 -27.17 -31.32
CA SER D 110 -12.23 -28.57 -31.39
C SER D 110 -11.42 -28.99 -30.12
N LEU D 111 -11.13 -28.04 -29.22
CA LEU D 111 -10.46 -28.25 -27.95
C LEU D 111 -11.57 -28.38 -26.95
N ASP D 112 -11.61 -29.51 -26.22
CA ASP D 112 -12.64 -29.67 -25.21
C ASP D 112 -12.38 -28.76 -24.01
N LEU D 113 -13.44 -28.50 -23.25
CA LEU D 113 -13.40 -27.62 -22.10
C LEU D 113 -12.36 -28.02 -21.08
N ALA D 114 -12.15 -29.31 -20.87
CA ALA D 114 -11.14 -29.81 -19.93
C ALA D 114 -9.72 -29.37 -20.33
N SER D 115 -9.45 -29.31 -21.65
CA SER D 115 -8.16 -28.86 -22.13
C SER D 115 -7.95 -27.39 -21.78
N LEU D 116 -8.97 -26.53 -22.00
CA LEU D 116 -8.88 -25.09 -21.70
C LEU D 116 -8.65 -24.82 -20.21
N ILE D 117 -9.38 -25.56 -19.35
CA ILE D 117 -9.26 -25.47 -17.89
C ILE D 117 -7.88 -25.98 -17.44
N LEU D 118 -7.38 -27.03 -18.09
CA LEU D 118 -6.04 -27.57 -17.80
C LEU D 118 -4.97 -26.50 -18.07
N TYR D 119 -5.09 -25.75 -19.16
CA TYR D 119 -4.12 -24.67 -19.47
C TYR D 119 -4.14 -23.60 -18.39
N ALA D 120 -5.36 -23.18 -17.94
CA ALA D 120 -5.52 -22.19 -16.90
C ALA D 120 -4.88 -22.70 -15.61
N TYR D 121 -5.11 -23.99 -15.27
CA TYR D 121 -4.51 -24.63 -14.10
C TYR D 121 -2.98 -24.62 -14.17
N GLN D 122 -2.39 -25.01 -15.31
CA GLN D 122 -0.92 -25.10 -15.44
C GLN D 122 -0.27 -23.74 -15.28
N LEU D 123 -0.89 -22.71 -15.86
CA LEU D 123 -0.41 -21.33 -15.72
C LEU D 123 -0.46 -20.85 -14.29
N SER D 124 -1.50 -21.28 -13.52
CA SER D 124 -1.64 -20.94 -12.12
C SER D 124 -0.54 -21.60 -11.31
N THR D 125 -0.08 -22.82 -11.69
CA THR D 125 1.01 -23.45 -10.95
C THR D 125 2.34 -22.70 -11.20
N ALA D 126 2.54 -22.18 -12.42
CA ALA D 126 3.73 -21.42 -12.80
C ALA D 126 3.74 -20.07 -12.07
N LEU D 127 2.55 -19.41 -12.01
CA LEU D 127 2.38 -18.13 -11.34
C LEU D 127 2.44 -18.27 -9.82
N ALA D 128 1.99 -19.41 -9.30
CA ALA D 128 2.11 -19.68 -7.87
C ALA D 128 3.60 -19.85 -7.52
N TYR D 129 4.39 -20.47 -8.41
CA TYR D 129 5.82 -20.64 -8.24
C TYR D 129 6.54 -19.28 -8.25
N LEU D 130 6.21 -18.41 -9.23
CA LEU D 130 6.78 -17.06 -9.28
C LEU D 130 6.44 -16.25 -8.01
N GLU D 131 5.19 -16.42 -7.50
CA GLU D 131 4.69 -15.80 -6.28
C GLU D 131 5.49 -16.31 -5.06
N SER D 132 5.81 -17.61 -5.01
CA SER D 132 6.61 -18.18 -3.93
C SER D 132 8.03 -17.58 -3.87
N LYS D 133 8.57 -17.16 -5.05
CA LYS D 133 9.88 -16.52 -5.16
C LYS D 133 9.80 -14.99 -5.10
N ARG D 134 8.62 -14.42 -4.74
CA ARG D 134 8.33 -12.99 -4.64
C ARG D 134 8.67 -12.23 -5.93
N PHE D 135 8.38 -12.86 -7.09
CA PHE D 135 8.65 -12.25 -8.38
C PHE D 135 7.35 -11.77 -9.01
N VAL D 136 7.29 -10.46 -9.36
CA VAL D 136 6.10 -9.86 -9.99
C VAL D 136 6.33 -9.84 -11.51
N HIS D 137 5.46 -10.56 -12.26
CA HIS D 137 5.58 -10.69 -13.69
C HIS D 137 5.33 -9.37 -14.42
N ARG D 138 4.14 -8.75 -14.20
CA ARG D 138 3.69 -7.46 -14.78
C ARG D 138 3.11 -7.58 -16.18
N ASP D 139 3.23 -8.74 -16.84
CA ASP D 139 2.74 -8.89 -18.21
C ASP D 139 2.11 -10.23 -18.48
N ILE D 140 1.22 -10.64 -17.58
CA ILE D 140 0.50 -11.89 -17.74
C ILE D 140 -0.64 -11.66 -18.73
N ALA D 141 -0.55 -12.33 -19.88
CA ALA D 141 -1.50 -12.29 -20.99
C ALA D 141 -1.24 -13.53 -21.85
N ALA D 142 -2.25 -13.96 -22.59
CA ALA D 142 -2.14 -15.14 -23.45
C ALA D 142 -1.06 -14.99 -24.53
N ARG D 143 -0.66 -13.73 -24.87
CA ARG D 143 0.40 -13.46 -25.84
C ARG D 143 1.76 -13.96 -25.33
N ASN D 144 1.94 -14.05 -23.99
CA ASN D 144 3.20 -14.54 -23.42
C ASN D 144 3.14 -15.97 -22.96
N VAL D 145 2.18 -16.75 -23.46
CA VAL D 145 2.05 -18.15 -23.10
C VAL D 145 2.32 -18.96 -24.38
N LEU D 146 3.05 -20.08 -24.22
CA LEU D 146 3.42 -20.95 -25.32
C LEU D 146 2.88 -22.38 -25.11
N VAL D 147 2.79 -23.16 -26.18
CA VAL D 147 2.22 -24.50 -26.12
C VAL D 147 3.29 -25.57 -26.46
N SER D 148 3.65 -26.38 -25.46
CA SER D 148 4.62 -27.48 -25.60
C SER D 148 3.99 -28.68 -26.28
N SER D 149 2.73 -28.96 -25.98
CA SER D 149 1.95 -30.09 -26.49
C SER D 149 0.47 -29.80 -26.26
N ASN D 150 -0.43 -30.65 -26.78
CA ASN D 150 -1.87 -30.46 -26.58
C ASN D 150 -2.26 -30.41 -25.12
N ASP D 151 -1.46 -31.00 -24.21
CA ASP D 151 -1.81 -30.97 -22.80
C ASP D 151 -0.73 -30.32 -21.95
N CYS D 152 -0.08 -29.30 -22.49
CA CYS D 152 0.97 -28.60 -21.76
C CYS D 152 1.25 -27.18 -22.28
N VAL D 153 1.04 -26.18 -21.42
CA VAL D 153 1.37 -24.80 -21.76
C VAL D 153 2.43 -24.27 -20.79
N LYS D 154 3.20 -23.26 -21.23
CA LYS D 154 4.26 -22.67 -20.40
C LYS D 154 4.28 -21.16 -20.54
N LEU D 155 4.73 -20.44 -19.47
CA LEU D 155 5.03 -19.02 -19.53
C LEU D 155 6.28 -18.90 -20.43
N GLY D 156 6.21 -18.01 -21.42
CA GLY D 156 7.32 -17.77 -22.34
C GLY D 156 8.48 -17.02 -21.73
N ASP D 157 9.49 -16.73 -22.53
CA ASP D 157 10.69 -16.03 -22.08
C ASP D 157 10.35 -14.65 -21.51
N PHE D 158 10.93 -14.28 -20.36
CA PHE D 158 10.61 -13.00 -19.72
C PHE D 158 11.22 -11.79 -20.46
N GLY D 159 12.40 -11.96 -21.04
CA GLY D 159 13.04 -10.92 -21.84
C GLY D 159 12.24 -10.60 -23.10
N LEU D 160 11.69 -11.62 -23.77
CA LEU D 160 10.86 -11.43 -24.96
C LEU D 160 9.45 -10.86 -24.65
N SER D 161 9.05 -10.78 -23.35
CA SER D 161 7.75 -10.23 -22.97
C SER D 161 7.82 -8.70 -23.05
N ARG D 162 6.95 -8.09 -23.86
CA ARG D 162 6.98 -6.66 -24.11
C ARG D 162 6.88 -5.73 -22.91
N TYR D 163 6.05 -6.04 -21.90
CA TYR D 163 5.79 -5.09 -20.80
C TYR D 163 6.16 -5.57 -19.36
N MET D 164 7.38 -6.09 -19.15
CA MET D 164 7.85 -6.52 -17.83
C MET D 164 8.83 -5.48 -17.20
N LEU D 177 1.56 0.44 -23.36
CA LEU D 177 1.06 -0.26 -22.17
C LEU D 177 -0.17 -1.17 -22.43
N PRO D 178 -0.21 -2.34 -21.79
CA PRO D 178 -1.36 -3.26 -21.97
C PRO D 178 -2.52 -2.93 -21.04
N ILE D 179 -3.16 -1.78 -21.26
CA ILE D 179 -4.23 -1.29 -20.41
C ILE D 179 -5.42 -2.28 -20.25
N LYS D 180 -5.80 -2.97 -21.32
CA LYS D 180 -6.92 -3.91 -21.27
C LYS D 180 -6.68 -5.16 -20.42
N TRP D 181 -5.45 -5.38 -19.96
CA TRP D 181 -5.09 -6.50 -19.09
C TRP D 181 -4.77 -6.05 -17.66
N MET D 182 -4.49 -4.76 -17.45
CA MET D 182 -4.05 -4.20 -16.20
C MET D 182 -5.12 -3.97 -15.13
N ALA D 183 -4.70 -4.17 -13.88
CA ALA D 183 -5.50 -3.92 -12.69
C ALA D 183 -5.74 -2.39 -12.53
N PRO D 184 -6.84 -1.97 -11.89
CA PRO D 184 -7.09 -0.51 -11.74
C PRO D 184 -5.95 0.27 -11.09
N GLU D 185 -5.30 -0.28 -10.04
CA GLU D 185 -4.18 0.39 -9.37
C GLU D 185 -2.93 0.49 -10.26
N SER D 186 -2.79 -0.39 -11.25
CA SER D 186 -1.67 -0.32 -12.19
C SER D 186 -1.93 0.78 -13.21
N ILE D 187 -3.16 0.90 -13.68
CA ILE D 187 -3.53 1.95 -14.63
C ILE D 187 -3.48 3.33 -13.94
N ASN D 188 -4.06 3.44 -12.75
CA ASN D 188 -4.12 4.70 -12.04
C ASN D 188 -2.82 5.12 -11.36
N PHE D 189 -2.11 4.20 -10.69
CA PHE D 189 -0.91 4.58 -9.94
C PHE D 189 0.37 3.86 -10.31
N ARG D 190 0.37 3.09 -11.41
CA ARG D 190 1.53 2.29 -11.83
C ARG D 190 1.98 1.29 -10.74
N ARG D 191 1.03 0.82 -9.91
CA ARG D 191 1.20 -0.10 -8.79
C ARG D 191 1.18 -1.57 -9.30
N PHE D 192 2.34 -2.25 -9.28
CA PHE D 192 2.45 -3.65 -9.72
C PHE D 192 2.83 -4.55 -8.57
N THR D 193 1.95 -5.46 -8.22
CA THR D 193 2.13 -6.40 -7.13
C THR D 193 1.67 -7.81 -7.60
N SER D 194 1.78 -8.84 -6.74
CA SER D 194 1.25 -10.16 -7.04
C SER D 194 -0.28 -10.12 -7.18
N ALA D 195 -0.96 -9.18 -6.50
CA ALA D 195 -2.41 -9.01 -6.59
C ALA D 195 -2.81 -8.45 -7.97
N SER D 196 -2.00 -7.54 -8.55
CA SER D 196 -2.28 -7.03 -9.88
C SER D 196 -1.96 -8.13 -10.95
N ASP D 197 -1.02 -9.06 -10.66
CA ASP D 197 -0.72 -10.22 -11.50
C ASP D 197 -1.96 -11.14 -11.55
N VAL D 198 -2.66 -11.31 -10.41
CA VAL D 198 -3.89 -12.09 -10.28
C VAL D 198 -5.02 -11.49 -11.17
N TRP D 199 -5.18 -10.15 -11.21
CA TRP D 199 -6.15 -9.52 -12.12
C TRP D 199 -5.80 -9.88 -13.60
N MET D 200 -4.52 -9.74 -13.98
CA MET D 200 -4.02 -10.06 -15.33
C MET D 200 -4.28 -11.52 -15.66
N PHE D 201 -4.06 -12.42 -14.68
CA PHE D 201 -4.32 -13.84 -14.84
C PHE D 201 -5.79 -14.14 -15.07
N GLY D 202 -6.68 -13.36 -14.45
CA GLY D 202 -8.11 -13.50 -14.67
C GLY D 202 -8.47 -13.18 -16.11
N VAL D 203 -7.85 -12.12 -16.67
CA VAL D 203 -7.99 -11.70 -18.07
C VAL D 203 -7.41 -12.80 -19.01
N CYS D 204 -6.26 -13.38 -18.63
CA CYS D 204 -5.62 -14.45 -19.38
C CYS D 204 -6.56 -15.68 -19.43
N MET D 205 -7.17 -16.05 -18.28
CA MET D 205 -8.14 -17.14 -18.21
C MET D 205 -9.35 -16.87 -19.14
N TRP D 206 -9.83 -15.60 -19.18
CA TRP D 206 -10.92 -15.18 -20.05
C TRP D 206 -10.49 -15.39 -21.51
N GLU D 207 -9.26 -14.99 -21.89
CA GLU D 207 -8.68 -15.18 -23.22
C GLU D 207 -8.65 -16.64 -23.63
N ILE D 208 -8.26 -17.54 -22.72
CA ILE D 208 -8.23 -18.98 -22.99
C ILE D 208 -9.60 -19.52 -23.35
N LEU D 209 -10.62 -19.18 -22.52
CA LEU D 209 -12.01 -19.57 -22.75
C LEU D 209 -12.61 -18.92 -24.00
N MET D 210 -12.11 -17.74 -24.38
CA MET D 210 -12.52 -17.03 -25.58
C MET D 210 -11.71 -17.43 -26.82
N HIS D 211 -10.88 -18.49 -26.73
CA HIS D 211 -10.02 -18.99 -27.81
C HIS D 211 -9.12 -17.91 -28.42
N GLY D 212 -8.47 -17.11 -27.58
CA GLY D 212 -7.54 -16.10 -28.06
C GLY D 212 -8.12 -14.76 -28.47
N VAL D 213 -9.39 -14.50 -28.23
CA VAL D 213 -10.01 -13.20 -28.55
C VAL D 213 -9.49 -12.15 -27.56
N LYS D 214 -9.21 -10.92 -28.03
CA LYS D 214 -8.71 -9.84 -27.18
C LYS D 214 -9.78 -9.27 -26.26
N PRO D 215 -9.43 -8.95 -25.00
CA PRO D 215 -10.39 -8.30 -24.10
C PRO D 215 -10.74 -6.87 -24.54
N PHE D 216 -11.96 -6.39 -24.23
CA PHE D 216 -12.43 -5.04 -24.55
C PHE D 216 -12.22 -4.66 -26.00
N GLN D 217 -12.51 -5.59 -26.91
CA GLN D 217 -12.41 -5.35 -28.35
C GLN D 217 -13.36 -4.19 -28.76
N GLY D 218 -12.82 -3.17 -29.42
CA GLY D 218 -13.64 -2.02 -29.82
C GLY D 218 -13.82 -0.94 -28.76
N VAL D 219 -12.99 -0.94 -27.70
CA VAL D 219 -13.06 0.08 -26.64
C VAL D 219 -11.72 0.82 -26.60
N LYS D 220 -11.75 2.15 -26.53
CA LYS D 220 -10.52 2.95 -26.43
C LYS D 220 -9.93 2.73 -25.04
N ASN D 221 -8.59 2.63 -24.94
CA ASN D 221 -7.88 2.41 -23.68
C ASN D 221 -8.25 3.38 -22.54
N ASN D 222 -8.43 4.67 -22.86
CA ASN D 222 -8.77 5.70 -21.88
C ASN D 222 -10.19 5.56 -21.30
N ASP D 223 -11.06 4.75 -21.96
CA ASP D 223 -12.44 4.47 -21.56
C ASP D 223 -12.56 3.19 -20.71
N VAL D 224 -11.61 2.24 -20.88
CA VAL D 224 -11.54 0.95 -20.15
C VAL D 224 -11.55 1.21 -18.62
N ILE D 225 -10.72 2.18 -18.19
CA ILE D 225 -10.56 2.67 -16.81
C ILE D 225 -11.90 3.12 -16.20
N GLY D 226 -12.69 3.83 -17.00
CA GLY D 226 -14.01 4.32 -16.61
C GLY D 226 -15.02 3.20 -16.46
N ARG D 227 -14.97 2.20 -17.36
CA ARG D 227 -15.85 1.05 -17.32
C ARG D 227 -15.61 0.20 -16.09
N ILE D 228 -14.33 -0.07 -15.80
CA ILE D 228 -13.89 -0.86 -14.66
C ILE D 228 -14.31 -0.18 -13.34
N GLU D 229 -14.10 1.13 -13.21
CA GLU D 229 -14.50 1.86 -12.02
C GLU D 229 -16.01 1.86 -11.84
N ASN D 230 -16.77 1.84 -12.94
CA ASN D 230 -18.23 1.77 -12.92
C ASN D 230 -18.77 0.33 -12.63
N GLY D 231 -17.87 -0.63 -12.36
CA GLY D 231 -18.24 -2.00 -12.04
C GLY D 231 -18.33 -2.97 -13.21
N GLU D 232 -18.08 -2.48 -14.43
CA GLU D 232 -18.13 -3.31 -15.63
C GLU D 232 -16.98 -4.31 -15.69
N ARG D 233 -17.28 -5.56 -16.01
CA ARG D 233 -16.28 -6.61 -16.14
C ARG D 233 -16.42 -7.33 -17.50
N LEU D 234 -15.41 -8.12 -17.91
CA LEU D 234 -15.47 -8.90 -19.14
C LEU D 234 -16.62 -9.92 -19.03
N PRO D 235 -17.39 -10.11 -20.11
CA PRO D 235 -18.54 -11.02 -20.02
C PRO D 235 -18.18 -12.49 -19.86
N MET D 236 -19.12 -13.30 -19.37
CA MET D 236 -18.92 -14.73 -19.23
C MET D 236 -18.75 -15.35 -20.60
N PRO D 237 -17.62 -16.01 -20.85
CA PRO D 237 -17.40 -16.62 -22.15
C PRO D 237 -18.39 -17.75 -22.40
N PRO D 238 -18.76 -17.97 -23.67
CA PRO D 238 -19.64 -19.11 -24.00
C PRO D 238 -19.01 -20.44 -23.59
N ASN D 239 -19.80 -21.34 -22.99
CA ASN D 239 -19.32 -22.63 -22.52
C ASN D 239 -18.40 -22.55 -21.30
N CYS D 240 -18.31 -21.42 -20.62
CA CYS D 240 -17.47 -21.32 -19.43
C CYS D 240 -18.28 -21.83 -18.23
N PRO D 241 -17.76 -22.76 -17.42
CA PRO D 241 -18.51 -23.18 -16.22
C PRO D 241 -18.71 -22.01 -15.26
N PRO D 242 -19.92 -21.87 -14.66
CA PRO D 242 -20.15 -20.71 -13.78
C PRO D 242 -19.16 -20.61 -12.62
N THR D 243 -18.70 -21.74 -12.07
CA THR D 243 -17.71 -21.76 -11.00
C THR D 243 -16.39 -21.11 -11.46
N LEU D 244 -16.02 -21.30 -12.75
CA LEU D 244 -14.82 -20.72 -13.34
C LEU D 244 -15.01 -19.23 -13.59
N TYR D 245 -16.18 -18.81 -14.08
CA TYR D 245 -16.44 -17.37 -14.27
C TYR D 245 -16.46 -16.64 -12.92
N SER D 246 -16.94 -17.31 -11.87
CA SER D 246 -16.95 -16.78 -10.51
C SER D 246 -15.50 -16.59 -10.00
N LEU D 247 -14.61 -17.52 -10.35
CA LEU D 247 -13.20 -17.46 -9.98
C LEU D 247 -12.54 -16.25 -10.67
N MET D 248 -12.85 -16.04 -11.94
CA MET D 248 -12.42 -14.92 -12.76
C MET D 248 -12.85 -13.58 -12.11
N THR D 249 -14.13 -13.49 -11.67
CA THR D 249 -14.63 -12.27 -11.04
C THR D 249 -13.93 -12.00 -9.69
N LYS D 250 -13.48 -13.03 -8.96
CA LYS D 250 -12.70 -12.85 -7.72
C LYS D 250 -11.32 -12.23 -8.01
N CYS D 251 -10.72 -12.60 -9.17
CA CYS D 251 -9.47 -12.00 -9.64
C CYS D 251 -9.70 -10.50 -9.97
N TRP D 252 -10.95 -10.15 -10.43
CA TRP D 252 -11.32 -8.81 -10.82
C TRP D 252 -11.96 -7.99 -9.72
N ALA D 253 -11.61 -8.26 -8.46
CA ALA D 253 -12.12 -7.45 -7.34
C ALA D 253 -11.37 -6.12 -7.42
N TYR D 254 -12.08 -4.98 -7.33
CA TYR D 254 -11.47 -3.66 -7.42
C TYR D 254 -10.34 -3.46 -6.40
N ASP D 255 -10.62 -3.87 -5.16
CA ASP D 255 -9.66 -3.81 -4.07
C ASP D 255 -8.70 -5.00 -4.18
N PRO D 256 -7.40 -4.73 -4.37
CA PRO D 256 -6.43 -5.83 -4.51
C PRO D 256 -6.36 -6.80 -3.33
N SER D 257 -6.69 -6.33 -2.11
CA SER D 257 -6.65 -7.20 -0.93
C SER D 257 -7.79 -8.24 -0.90
N ARG D 258 -8.84 -8.03 -1.71
CA ARG D 258 -9.95 -8.98 -1.79
C ARG D 258 -9.77 -10.04 -2.89
N ARG D 259 -8.68 -9.95 -3.68
CA ARG D 259 -8.37 -10.89 -4.74
C ARG D 259 -7.64 -12.10 -4.15
N PRO D 260 -7.95 -13.32 -4.62
CA PRO D 260 -7.23 -14.50 -4.11
C PRO D 260 -5.77 -14.56 -4.54
N ARG D 261 -4.92 -15.30 -3.80
CA ARG D 261 -3.54 -15.51 -4.22
C ARG D 261 -3.51 -16.69 -5.22
N PHE D 262 -2.36 -16.89 -5.90
CA PHE D 262 -2.21 -17.92 -6.90
C PHE D 262 -2.37 -19.33 -6.35
N THR D 263 -1.96 -19.55 -5.10
CA THR D 263 -2.12 -20.86 -4.48
C THR D 263 -3.61 -21.23 -4.28
N GLU D 264 -4.47 -20.21 -4.04
CA GLU D 264 -5.89 -20.41 -3.91
C GLU D 264 -6.49 -20.68 -5.30
N LEU D 265 -6.06 -19.92 -6.32
CA LEU D 265 -6.50 -20.09 -7.69
C LEU D 265 -6.18 -21.51 -8.19
N LYS D 266 -4.98 -22.02 -7.83
CA LYS D 266 -4.48 -23.35 -8.16
C LYS D 266 -5.37 -24.45 -7.54
N ALA D 267 -5.72 -24.30 -6.26
CA ALA D 267 -6.57 -25.27 -5.58
C ALA D 267 -7.98 -25.31 -6.17
N GLN D 268 -8.54 -24.15 -6.55
CA GLN D 268 -9.90 -24.07 -7.09
C GLN D 268 -9.99 -24.53 -8.53
N LEU D 269 -8.94 -24.27 -9.34
CA LEU D 269 -8.87 -24.68 -10.75
C LEU D 269 -8.79 -26.19 -10.87
N SER D 270 -8.03 -26.83 -9.98
CA SER D 270 -7.91 -28.28 -9.93
C SER D 270 -9.28 -28.94 -9.61
N THR D 271 -10.13 -28.29 -8.78
CA THR D 271 -11.47 -28.79 -8.44
C THR D 271 -12.39 -28.66 -9.66
N ILE D 272 -12.32 -27.52 -10.37
CA ILE D 272 -13.09 -27.27 -11.58
C ILE D 272 -12.70 -28.29 -12.68
N LEU D 273 -11.40 -28.60 -12.77
CA LEU D 273 -10.90 -29.55 -13.76
C LEU D 273 -11.48 -30.93 -13.50
N GLU D 274 -11.41 -31.41 -12.23
CA GLU D 274 -11.96 -32.69 -11.82
C GLU D 274 -13.45 -32.77 -12.13
N GLU D 275 -14.22 -31.70 -11.83
CA GLU D 275 -15.65 -31.65 -12.09
C GLU D 275 -15.96 -31.74 -13.58
N GLU D 276 -15.16 -31.08 -14.43
CA GLU D 276 -15.38 -31.14 -15.87
C GLU D 276 -15.08 -32.53 -16.41
N LYS D 277 -14.01 -33.16 -15.92
CA LYS D 277 -13.65 -34.51 -16.35
C LYS D 277 -14.73 -35.52 -15.99
N ALA D 278 -15.45 -35.31 -14.88
CA ALA D 278 -16.54 -36.19 -14.45
C ALA D 278 -17.74 -36.11 -15.42
#